data_5NL0
#
_entry.id   5NL0
#
_cell.length_a   61.725
_cell.length_b   405.737
_cell.length_c   348.162
_cell.angle_alpha   90.00
_cell.angle_beta   90.00
_cell.angle_gamma   90.00
#
_symmetry.space_group_name_H-M   'C 2 2 21'
#
loop_
_entity.id
_entity.type
_entity.pdbx_description
1 polymer 'Histone H3.2'
2 polymer 'Histone H4'
3 polymer 'Histone H2A type 1'
4 polymer 'Histone H2B 1.1'
5 polymer 'DNA (197-MER)'
6 polymer 'DNA (197-MER)'
7 polymer 'Histone H1.0-B'
#
loop_
_entity_poly.entity_id
_entity_poly.type
_entity_poly.pdbx_seq_one_letter_code
_entity_poly.pdbx_strand_id
1 'polypeptide(L)'
;ARTKQTARKSTGGKAPRKQLATKAARKSAPATGGVKKPHRYRPGTVALREIRRYQKSTELLIRKLPFQRLVREIAQDFKT
DLRFQSSAVMALQEASEAYLVALFEDTNLCAIHAKRVTIMPKDIQLARRIRGERA
;
A,E,K
2 'polypeptide(L)'
;SGRGKGGKGLGKGGAKRHRKVLRDNIQGITKPAIRRLARRGGVKRISGLIYEETRGVLKVFLENVIRDAVTYTEHAKRKT
VTAMDVVYALKRQGRTLYGFGG
;
B,F,L
3 'polypeptide(L)'
;SGRGKQGGKTRAKAKTRSSRAGLQFPVGRVHRLLRKGNYAERVGAGAPVYLAAVLEYLTAEILELAGNAARDNKKTRIIP
RHLQLAVRNDEELNKLLGRVTIAQGGVLPNIQSVLLPKKTESSKSAKSK
;
C,G,M
4 'polypeptide(L)'
;AKSAPAPKKGSKKAVTKTQKKDGKKRRKTRKESYAIYVYKVLKQVHPDTGISSKAMSIMNSFVNDVFERIAGEASRLAHY
NKRSTITSREIQTAVRLLLPGELAKHAVSEGTKAVTKYTSAK
;
D,H,N
5 'polydeoxyribonucleotide'
;(DA)(DC)(DT)(DA)(DC)(DG)(DT)(DA)(DA)(DT)(DA)(DT)(DT)(DG)(DG)(DC)(DC)(DA)(DG)(DC)
(DT)(DA)(DG)(DG)(DA)(DT)(DA)(DT)(DC)(DA)(DC)(DA)(DA)(DT)(DC)(DC)(DC)(DG)(DG)(DT)
(DG)(DC)(DC)(DG)(DA)(DG)(DG)(DC)(DC)(DG)(DC)(DT)(DC)(DA)(DA)(DT)(DT)(DG)(DG)(DT)
(DC)(DG)(DT)(DA)(DG)(DA)(DC)(DA)(DG)(DC)(DT)(DC)(DT)(DA)(DG)(DC)(DA)(DC)(DC)(DG)
(DC)(DT)(DT)(DA)(DA)(DA)(DC)(DG)(DC)(DA)(DC)(DG)(DT)(DA)(DC)(DG)(DG)(DA)(DA)(DT)
(DC)(DC)(DG)(DT)(DA)(DC)(DG)(DT)(DG)(DC)(DG)(DT)(DT)(DT)(DA)(DA)(DG)(DC)(DG)(DG)
(DT)(DG)(DC)(DT)(DA)(DG)(DA)(DG)(DC)(DT)(DG)(DT)(DC)(DT)(DA)(DC)(DG)(DA)(DC)(DC)
(DA)(DA)(DT)(DT)(DG)(DA)(DG)(DC)(DG)(DG)(DC)(DC)(DT)(DC)(DG)(DG)(DC)(DA)(DC)(DC)
(DG)(DG)(DG)(DA)(DT)(DT)(DG)(DT)(DG)(DA)(DT)(DA)(DT)(DC)(DC)(DT)(DA)(DG)(DC)(DT)
(DG)(DG)(DC)(DC)(DA)(DA)(DT)(DA)(DT)(DT)(DA)(DC)(DG)(DT)(DA)(DG)(DT)
;
I,S
6 'polydeoxyribonucleotide'
;(DA)(DC)(DT)(DA)(DC)(DG)(DT)(DA)(DA)(DT)(DA)(DT)(DT)(DG)(DG)(DC)(DC)(DA)(DG)(DC)
(DT)(DA)(DG)(DG)(DA)(DT)(DA)(DT)(DC)(DA)(DC)(DA)(DA)(DT)(DC)(DC)(DC)(DG)(DG)(DT)
(DG)(DC)(DC)(DG)(DA)(DG)(DG)(DC)(DC)(DG)(DC)(DT)(DC)(DA)(DA)(DT)(DT)(DG)(DG)(DT)
(DC)(DG)(DT)(DA)(DG)(DA)(DC)(DA)(DG)(DC)(DT)(DC)(DT)(DA)(DG)(DC)(DA)(DC)(DC)(DG)
(DC)(DT)(DT)(DA)(DA)(DA)(DC)(DG)(DC)(DA)(DC)(DG)(DT)(DA)(DC)(DG)(DG)(DA)(DT)(DT)
(DC)(DC)(DG)(DT)(DA)(DC)(DG)(DT)(DG)(DC)(DG)(DT)(DT)(DT)(DA)(DA)(DG)(DC)(DG)(DG)
(DT)(DG)(DC)(DT)(DA)(DG)(DA)(DG)(DC)(DT)(DG)(DT)(DC)(DT)(DA)(DC)(DG)(DA)(DC)(DC)
(DA)(DA)(DT)(DT)(DG)(DA)(DG)(DC)(DG)(DG)(DC)(DC)(DT)(DC)(DG)(DG)(DC)(DA)(DC)(DC)
(DG)(DG)(DG)(DA)(DT)(DT)(DG)(DT)(DG)(DA)(DT)(DA)(DT)(DC)(DC)(DT)(DA)(DG)(DC)(DT)
(DG)(DG)(DC)(DC)(DA)(DA)(DT)(DA)(DT)(DT)(DA)(DC)(DG)(DT)(DA)(DG)(DT)
;
J,T
7 'polypeptide(L)'
;MAENSAATPAAKPKRSKALKKSTDHPKYSDMILAAVQAEKSRSGSSRQSIQKYIKNHYKVGENADSQIKLSIKRLVTSGA
LKQTKGVGASGSFRLAKADEGKKPAKKPKKEIKKAVSPKKVAKPKKAAKSPAKAKKPKVAEKKVKKVAKKKPAPSPKKAK
KTKTVKAKPVRASKVKKAKPSKPKAKASPKKSGRKK
;
Z
#
loop_
_chem_comp.id
_chem_comp.type
_chem_comp.name
_chem_comp.formula
DA DNA linking 2'-DEOXYADENOSINE-5'-MONOPHOSPHATE 'C10 H14 N5 O6 P'
DC DNA linking 2'-DEOXYCYTIDINE-5'-MONOPHOSPHATE 'C9 H14 N3 O7 P'
DG DNA linking 2'-DEOXYGUANOSINE-5'-MONOPHOSPHATE 'C10 H14 N5 O7 P'
DT DNA linking THYMIDINE-5'-MONOPHOSPHATE 'C10 H15 N2 O8 P'
#
# COMPACT_ATOMS: atom_id res chain seq x y z
N PRO A 38 3.85 -6.18 29.03
CA PRO A 38 4.01 -7.02 27.84
C PRO A 38 5.47 -7.38 27.60
N HIS A 39 5.89 -7.24 26.34
CA HIS A 39 7.29 -7.23 25.94
C HIS A 39 7.39 -6.99 24.44
N ARG A 40 8.35 -6.19 24.01
CA ARG A 40 8.45 -5.77 22.63
C ARG A 40 9.91 -5.62 22.21
N TYR A 41 10.29 -6.30 21.13
CA TYR A 41 11.60 -6.10 20.54
C TYR A 41 11.57 -4.87 19.65
N ARG A 42 12.70 -4.15 19.61
CA ARG A 42 12.80 -2.99 18.75
C ARG A 42 12.59 -3.40 17.29
N PRO A 43 11.98 -2.54 16.47
CA PRO A 43 11.74 -2.91 15.06
C PRO A 43 13.05 -3.17 14.34
N GLY A 44 13.14 -4.37 13.75
CA GLY A 44 14.34 -4.82 13.07
C GLY A 44 15.01 -6.01 13.73
N THR A 45 14.67 -6.31 14.98
CA THR A 45 15.32 -7.41 15.69
C THR A 45 14.81 -8.75 15.19
N VAL A 46 13.49 -8.90 15.08
CA VAL A 46 12.92 -10.13 14.54
C VAL A 46 13.22 -10.26 13.05
N ALA A 47 13.37 -9.14 12.33
CA ALA A 47 13.80 -9.22 10.94
C ALA A 47 15.16 -9.90 10.84
N LEU A 48 16.10 -9.49 11.70
CA LEU A 48 17.42 -10.10 11.69
C LEU A 48 17.37 -11.56 12.15
N ARG A 49 16.59 -11.84 13.20
CA ARG A 49 16.42 -13.24 13.61
C ARG A 49 15.90 -14.08 12.44
N GLU A 50 14.95 -13.56 11.66
CA GLU A 50 14.41 -14.31 10.55
C GLU A 50 15.40 -14.44 9.40
N ILE A 51 16.25 -13.43 9.20
CA ILE A 51 17.31 -13.57 8.20
C ILE A 51 18.24 -14.71 8.59
N ARG A 52 18.77 -14.66 9.81
CA ARG A 52 19.63 -15.74 10.27
C ARG A 52 18.93 -17.08 10.14
N ARG A 53 17.64 -17.13 10.46
CA ARG A 53 16.92 -18.39 10.42
C ARG A 53 16.79 -18.93 8.99
N TYR A 54 16.33 -18.10 8.06
CA TYR A 54 16.01 -18.58 6.72
C TYR A 54 17.25 -18.69 5.82
N GLN A 55 18.36 -18.05 6.18
CA GLN A 55 19.62 -18.34 5.53
C GLN A 55 20.29 -19.58 6.11
N LYS A 56 19.77 -20.11 7.21
CA LYS A 56 20.28 -21.37 7.77
C LYS A 56 19.61 -22.60 7.15
N SER A 57 18.39 -22.45 6.65
CA SER A 57 17.61 -23.59 6.17
C SER A 57 17.53 -23.60 4.64
N THR A 58 16.99 -24.70 4.12
CA THR A 58 16.89 -24.91 2.69
C THR A 58 15.49 -25.27 2.22
N GLU A 59 14.52 -25.38 3.12
CA GLU A 59 13.17 -25.78 2.74
C GLU A 59 12.48 -24.65 1.98
N LEU A 60 11.54 -25.03 1.11
CA LEU A 60 10.83 -24.06 0.29
C LEU A 60 9.98 -23.14 1.16
N LEU A 61 9.82 -21.90 0.69
CA LEU A 61 9.17 -20.85 1.45
C LEU A 61 7.79 -20.45 0.94
N ILE A 62 7.42 -20.84 -0.27
CA ILE A 62 6.08 -20.66 -0.78
C ILE A 62 5.27 -21.91 -0.46
N ARG A 63 4.03 -21.73 -0.04
CA ARG A 63 3.18 -22.89 0.21
C ARG A 63 2.91 -23.62 -1.10
N LYS A 64 2.99 -24.96 -1.06
CA LYS A 64 3.13 -25.74 -2.28
C LYS A 64 1.86 -25.69 -3.14
N LEU A 65 0.68 -25.77 -2.52
CA LEU A 65 -0.53 -25.83 -3.32
C LEU A 65 -0.86 -24.50 -3.98
N PRO A 66 -0.74 -23.33 -3.33
CA PRO A 66 -0.94 -22.08 -4.07
C PRO A 66 -0.04 -21.96 -5.29
N PHE A 67 1.24 -22.29 -5.11
CA PHE A 67 2.19 -22.27 -6.22
C PHE A 67 1.74 -23.22 -7.33
N GLN A 68 1.32 -24.43 -6.97
CA GLN A 68 0.88 -25.40 -7.97
C GLN A 68 -0.29 -24.88 -8.78
N ARG A 69 -1.30 -24.33 -8.09
CA ARG A 69 -2.46 -23.77 -8.80
C ARG A 69 -2.05 -22.60 -9.70
N LEU A 70 -1.08 -21.80 -9.26
CA LEU A 70 -0.58 -20.73 -10.12
C LEU A 70 0.10 -21.27 -11.36
N VAL A 71 0.88 -22.34 -11.20
CA VAL A 71 1.55 -22.97 -12.34
C VAL A 71 0.52 -23.48 -13.34
N ARG A 72 -0.48 -24.22 -12.85
CA ARG A 72 -1.52 -24.70 -13.77
C ARG A 72 -2.24 -23.54 -14.45
N GLU A 73 -2.54 -22.47 -13.70
CA GLU A 73 -3.25 -21.34 -14.30
C GLU A 73 -2.41 -20.72 -15.42
N ILE A 74 -1.12 -20.49 -15.18
CA ILE A 74 -0.27 -19.90 -16.20
C ILE A 74 -0.15 -20.84 -17.41
N ALA A 75 -0.06 -22.15 -17.16
CA ALA A 75 0.12 -23.08 -18.26
C ALA A 75 -1.13 -23.18 -19.14
N GLN A 76 -2.32 -23.06 -18.54
CA GLN A 76 -3.54 -23.18 -19.33
C GLN A 76 -3.60 -22.15 -20.45
N ASP A 77 -3.08 -20.95 -20.19
CA ASP A 77 -3.07 -19.90 -21.20
C ASP A 77 -2.12 -20.20 -22.35
N PHE A 78 -1.38 -21.30 -22.29
CA PHE A 78 -0.52 -21.74 -23.38
C PHE A 78 -1.06 -22.98 -24.09
N LYS A 79 -1.52 -23.98 -23.34
CA LYS A 79 -2.16 -25.16 -23.93
C LYS A 79 -3.17 -25.71 -22.94
N THR A 80 -4.38 -25.98 -23.44
CA THR A 80 -5.45 -26.45 -22.57
C THR A 80 -5.33 -27.95 -22.32
N ASP A 81 -5.95 -28.38 -21.22
CA ASP A 81 -5.99 -29.79 -20.84
C ASP A 81 -4.58 -30.37 -20.74
N LEU A 82 -3.89 -30.06 -19.65
CA LEU A 82 -2.51 -30.47 -19.44
C LEU A 82 -2.34 -31.05 -18.04
N ARG A 83 -1.54 -32.09 -17.95
CA ARG A 83 -1.17 -32.68 -16.67
C ARG A 83 0.28 -32.35 -16.34
N PHE A 84 0.58 -32.30 -15.04
CA PHE A 84 1.91 -31.98 -14.54
C PHE A 84 2.40 -33.12 -13.66
N GLN A 85 3.63 -33.58 -13.90
CA GLN A 85 4.28 -34.41 -12.91
C GLN A 85 4.48 -33.61 -11.64
N SER A 86 4.34 -34.28 -10.48
CA SER A 86 4.60 -33.59 -9.22
C SER A 86 6.03 -33.05 -9.18
N SER A 87 6.98 -33.83 -9.70
CA SER A 87 8.37 -33.38 -9.74
C SER A 87 8.55 -32.18 -10.67
N ALA A 88 7.70 -32.04 -11.69
CA ALA A 88 7.81 -30.87 -12.56
C ALA A 88 7.45 -29.61 -11.81
N VAL A 89 6.35 -29.65 -11.04
CA VAL A 89 5.99 -28.52 -10.20
C VAL A 89 7.06 -28.27 -9.15
N MET A 90 7.63 -29.34 -8.58
CA MET A 90 8.71 -29.14 -7.61
C MET A 90 9.90 -28.44 -8.25
N ALA A 91 10.22 -28.82 -9.50
CA ALA A 91 11.32 -28.16 -10.19
C ALA A 91 11.02 -26.69 -10.44
N LEU A 92 9.80 -26.39 -10.91
CA LEU A 92 9.41 -25.00 -11.11
C LEU A 92 9.49 -24.21 -9.82
N GLN A 93 9.18 -24.82 -8.67
CA GLN A 93 9.18 -24.06 -7.43
C GLN A 93 10.60 -23.84 -6.91
N GLU A 94 11.43 -24.88 -6.92
CA GLU A 94 12.84 -24.70 -6.60
C GLU A 94 13.45 -23.59 -7.44
N ALA A 95 13.27 -23.65 -8.76
CA ALA A 95 13.87 -22.64 -9.64
C ALA A 95 13.30 -21.25 -9.35
N SER A 96 11.98 -21.13 -9.27
CA SER A 96 11.37 -19.82 -9.04
C SER A 96 11.86 -19.20 -7.73
N GLU A 97 11.89 -19.98 -6.67
CA GLU A 97 12.30 -19.44 -5.38
C GLU A 97 13.78 -19.07 -5.37
N ALA A 98 14.64 -19.90 -5.96
CA ALA A 98 16.04 -19.49 -6.07
C ALA A 98 16.15 -18.15 -6.79
N TYR A 99 15.41 -18.01 -7.89
CA TYR A 99 15.40 -16.76 -8.66
C TYR A 99 14.99 -15.58 -7.79
N LEU A 100 13.93 -15.73 -7.01
CA LEU A 100 13.43 -14.63 -6.19
C LEU A 100 14.40 -14.29 -5.05
N VAL A 101 15.01 -15.30 -4.44
CA VAL A 101 15.97 -15.04 -3.37
C VAL A 101 17.14 -14.24 -3.92
N ALA A 102 17.73 -14.71 -5.02
CA ALA A 102 18.86 -13.97 -5.60
C ALA A 102 18.46 -12.56 -6.00
N LEU A 103 17.28 -12.42 -6.63
CA LEU A 103 16.81 -11.10 -7.03
C LEU A 103 16.65 -10.19 -5.83
N PHE A 104 16.22 -10.73 -4.69
CA PHE A 104 16.12 -9.92 -3.48
C PHE A 104 17.49 -9.53 -2.96
N GLU A 105 18.49 -10.40 -3.14
CA GLU A 105 19.87 -9.98 -2.85
C GLU A 105 20.24 -8.74 -3.65
N ASP A 106 20.11 -8.81 -4.98
CA ASP A 106 20.49 -7.65 -5.79
C ASP A 106 19.68 -6.41 -5.42
N THR A 107 18.36 -6.58 -5.27
CA THR A 107 17.49 -5.49 -4.84
C THR A 107 17.99 -4.85 -3.55
N ASN A 108 18.38 -5.68 -2.59
CA ASN A 108 18.94 -5.18 -1.33
C ASN A 108 20.18 -4.33 -1.59
N LEU A 109 21.05 -4.78 -2.50
CA LEU A 109 22.23 -3.99 -2.80
C LEU A 109 21.86 -2.65 -3.43
N CYS A 110 20.84 -2.60 -4.29
CA CYS A 110 20.44 -1.30 -4.83
C CYS A 110 19.94 -0.38 -3.72
N ALA A 111 19.04 -0.88 -2.87
CA ALA A 111 18.55 -0.07 -1.75
C ALA A 111 19.70 0.49 -0.93
N ILE A 112 20.63 -0.37 -0.50
CA ILE A 112 21.78 0.09 0.26
C ILE A 112 22.55 1.14 -0.53
N HIS A 113 22.63 0.95 -1.84
CA HIS A 113 23.24 1.94 -2.71
C HIS A 113 22.59 3.31 -2.58
N ALA A 114 21.26 3.35 -2.41
CA ALA A 114 20.57 4.62 -2.18
C ALA A 114 20.51 4.98 -0.71
N LYS A 115 21.54 4.62 0.06
CA LYS A 115 21.63 4.92 1.49
C LYS A 115 20.39 4.48 2.25
N ARG A 116 19.65 3.50 1.75
CA ARG A 116 18.38 3.09 2.34
C ARG A 116 18.50 1.69 2.95
N VAL A 117 17.61 1.41 3.88
CA VAL A 117 17.49 0.08 4.49
C VAL A 117 16.28 -0.68 3.98
N THR A 118 15.34 0.00 3.32
CA THR A 118 14.08 -0.56 2.86
C THR A 118 14.12 -0.82 1.36
N ILE A 119 13.78 -2.03 0.93
CA ILE A 119 13.70 -2.30 -0.50
C ILE A 119 12.40 -1.75 -1.06
N MET A 120 12.47 -1.25 -2.27
CA MET A 120 11.36 -0.60 -2.94
C MET A 120 11.28 -1.09 -4.38
N PRO A 121 10.11 -0.98 -5.00
CA PRO A 121 9.98 -1.45 -6.39
C PRO A 121 11.04 -0.90 -7.31
N LYS A 122 11.52 0.33 -7.08
CA LYS A 122 12.57 0.89 -7.92
C LYS A 122 13.88 0.12 -7.81
N ASP A 123 14.16 -0.46 -6.64
CA ASP A 123 15.34 -1.30 -6.50
C ASP A 123 15.21 -2.56 -7.35
N ILE A 124 14.04 -3.21 -7.32
CA ILE A 124 13.81 -4.36 -8.17
C ILE A 124 13.96 -3.98 -9.64
N GLN A 125 13.34 -2.87 -10.04
CA GLN A 125 13.38 -2.46 -11.44
C GLN A 125 14.81 -2.13 -11.88
N LEU A 126 15.60 -1.52 -11.01
CA LEU A 126 17.00 -1.27 -11.34
C LEU A 126 17.76 -2.58 -11.47
N ALA A 127 17.57 -3.49 -10.51
CA ALA A 127 18.18 -4.81 -10.57
C ALA A 127 17.89 -5.51 -11.90
N ARG A 128 16.60 -5.60 -12.26
CA ARG A 128 16.24 -6.33 -13.48
C ARG A 128 16.76 -5.62 -14.71
N ARG A 129 16.71 -4.28 -14.71
CA ARG A 129 17.29 -3.49 -15.79
C ARG A 129 18.73 -3.88 -16.03
N ILE A 130 19.51 -3.99 -14.96
CA ILE A 130 20.94 -4.29 -15.08
C ILE A 130 21.14 -5.74 -15.48
N ARG A 131 20.37 -6.65 -14.88
CA ARG A 131 20.39 -8.07 -15.26
C ARG A 131 20.07 -8.29 -16.73
N GLY A 132 19.49 -7.29 -17.41
CA GLY A 132 19.10 -7.45 -18.80
C GLY A 132 17.76 -8.12 -18.99
N GLU A 133 16.98 -8.31 -17.92
CA GLU A 133 15.63 -8.81 -18.07
C GLU A 133 14.68 -7.70 -18.50
N ARG A 134 14.69 -6.58 -17.77
CA ARG A 134 13.98 -5.38 -18.17
C ARG A 134 14.76 -4.66 -19.27
N ALA A 135 14.05 -3.80 -20.00
CA ALA A 135 14.69 -3.01 -21.05
C ALA A 135 15.00 -1.60 -20.55
N LYS B 20 -13.61 -19.30 -21.25
CA LYS B 20 -13.69 -18.53 -20.01
C LYS B 20 -12.30 -18.03 -19.63
N VAL B 21 -12.23 -16.94 -18.86
CA VAL B 21 -10.96 -16.31 -18.53
C VAL B 21 -10.52 -16.71 -17.13
N LEU B 22 -9.26 -17.12 -17.00
CA LEU B 22 -8.70 -17.55 -15.72
C LEU B 22 -8.02 -16.37 -15.05
N ARG B 23 -8.13 -16.31 -13.73
CA ARG B 23 -7.52 -15.27 -12.91
C ARG B 23 -7.57 -15.71 -11.46
N ASP B 24 -7.07 -14.84 -10.59
CA ASP B 24 -7.16 -14.93 -9.13
C ASP B 24 -6.61 -16.26 -8.57
N ASN B 25 -5.24 -16.36 -8.66
CA ASN B 25 -4.32 -17.37 -8.14
C ASN B 25 -2.97 -16.76 -7.73
N ILE B 26 -2.45 -15.79 -8.47
CA ILE B 26 -1.21 -15.10 -8.10
C ILE B 26 -1.29 -14.59 -6.66
N GLN B 27 -2.45 -14.12 -6.18
CA GLN B 27 -2.52 -13.63 -4.79
C GLN B 27 -2.32 -14.77 -3.78
N GLY B 28 -2.30 -16.01 -4.24
CA GLY B 28 -1.93 -17.14 -3.40
C GLY B 28 -0.45 -17.12 -3.02
N ILE B 29 0.34 -16.31 -3.72
CA ILE B 29 1.69 -16.00 -3.31
C ILE B 29 1.55 -14.83 -2.34
N THR B 30 1.51 -15.17 -1.06
CA THR B 30 1.07 -14.25 -0.02
C THR B 30 2.19 -13.31 0.42
N LYS B 31 1.77 -12.31 1.20
CA LYS B 31 2.68 -11.37 1.82
C LYS B 31 3.70 -12.05 2.72
N PRO B 32 3.31 -12.88 3.71
CA PRO B 32 4.35 -13.55 4.53
C PRO B 32 5.29 -14.43 3.72
N ALA B 33 4.83 -15.00 2.60
CA ALA B 33 5.71 -15.81 1.76
C ALA B 33 6.76 -14.95 1.07
N ILE B 34 6.33 -13.83 0.50
CA ILE B 34 7.29 -12.91 -0.10
C ILE B 34 8.23 -12.41 0.97
N ARG B 35 7.73 -12.26 2.20
CA ARG B 35 8.56 -11.78 3.28
C ARG B 35 9.64 -12.80 3.62
N ARG B 36 9.27 -14.07 3.73
CA ARG B 36 10.26 -15.11 3.97
C ARG B 36 11.32 -15.15 2.88
N LEU B 37 10.90 -14.98 1.63
CA LEU B 37 11.88 -14.96 0.54
C LEU B 37 12.82 -13.78 0.69
N ALA B 38 12.29 -12.59 0.98
CA ALA B 38 13.13 -11.42 1.18
C ALA B 38 14.12 -11.64 2.32
N ARG B 39 13.67 -12.27 3.41
CA ARG B 39 14.54 -12.53 4.55
C ARG B 39 15.73 -13.41 4.13
N ARG B 40 15.44 -14.53 3.47
CA ARG B 40 16.54 -15.35 2.94
C ARG B 40 17.44 -14.57 1.99
N GLY B 41 16.94 -13.51 1.37
CA GLY B 41 17.73 -12.63 0.54
C GLY B 41 18.46 -11.55 1.30
N GLY B 42 18.24 -11.49 2.62
CA GLY B 42 18.95 -10.57 3.48
C GLY B 42 18.30 -9.21 3.64
N VAL B 43 17.02 -9.08 3.31
CA VAL B 43 16.31 -7.82 3.36
C VAL B 43 15.73 -7.59 4.75
N LYS B 44 16.02 -6.43 5.33
CA LYS B 44 15.58 -6.10 6.67
C LYS B 44 14.19 -5.44 6.65
N ARG B 45 13.99 -4.47 5.77
CA ARG B 45 12.77 -3.65 5.75
C ARG B 45 12.18 -3.67 4.35
N ILE B 46 10.86 -3.82 4.27
CA ILE B 46 10.17 -4.05 3.01
C ILE B 46 9.03 -3.05 2.83
N SER B 47 9.12 -2.25 1.78
CA SER B 47 8.06 -1.32 1.41
C SER B 47 6.74 -2.05 1.17
N GLY B 48 5.64 -1.31 1.31
CA GLY B 48 4.33 -1.92 1.13
C GLY B 48 4.02 -2.28 -0.31
N LEU B 49 4.61 -1.55 -1.26
CA LEU B 49 4.35 -1.77 -2.69
C LEU B 49 5.17 -2.94 -3.25
N ILE B 50 6.09 -3.51 -2.48
CA ILE B 50 6.92 -4.60 -2.96
C ILE B 50 6.14 -5.88 -3.27
N TYR B 51 5.08 -6.15 -2.50
CA TYR B 51 4.42 -7.44 -2.61
C TYR B 51 3.76 -7.64 -3.97
N GLU B 52 3.00 -6.65 -4.43
CA GLU B 52 2.41 -6.78 -5.75
C GLU B 52 3.48 -6.75 -6.82
N GLU B 53 4.56 -5.99 -6.59
CA GLU B 53 5.62 -5.95 -7.59
C GLU B 53 6.25 -7.32 -7.72
N THR B 54 6.37 -8.02 -6.59
CA THR B 54 7.00 -9.33 -6.65
C THR B 54 6.06 -10.33 -7.27
N ARG B 55 4.75 -10.08 -7.18
CA ARG B 55 3.81 -10.95 -7.85
C ARG B 55 3.94 -10.83 -9.36
N GLY B 56 4.11 -9.62 -9.88
CA GLY B 56 4.25 -9.48 -11.32
C GLY B 56 5.55 -10.08 -11.84
N VAL B 57 6.65 -9.83 -11.13
CA VAL B 57 7.94 -10.38 -11.53
C VAL B 57 7.88 -11.90 -11.59
N LEU B 58 7.34 -12.51 -10.53
CA LEU B 58 7.25 -13.96 -10.48
C LEU B 58 6.33 -14.48 -11.57
N LYS B 59 5.29 -13.73 -11.92
CA LYS B 59 4.47 -14.16 -13.04
C LYS B 59 5.25 -14.20 -14.34
N VAL B 60 5.97 -13.12 -14.65
CA VAL B 60 6.75 -13.07 -15.89
C VAL B 60 7.75 -14.21 -15.94
N PHE B 61 8.45 -14.44 -14.84
CA PHE B 61 9.42 -15.53 -14.77
C PHE B 61 8.76 -16.87 -15.09
N LEU B 62 7.70 -17.20 -14.35
CA LEU B 62 7.02 -18.46 -14.61
C LEU B 62 6.50 -18.53 -16.02
N GLU B 63 5.95 -17.41 -16.52
CA GLU B 63 5.49 -17.40 -17.90
C GLU B 63 6.59 -17.84 -18.84
N ASN B 64 7.73 -17.15 -18.75
CA ASN B 64 8.82 -17.41 -19.70
C ASN B 64 9.26 -18.85 -19.60
N VAL B 65 9.31 -19.37 -18.39
CA VAL B 65 9.79 -20.74 -18.22
C VAL B 65 8.72 -21.75 -18.64
N ILE B 66 7.48 -21.57 -18.19
CA ILE B 66 6.44 -22.54 -18.53
C ILE B 66 6.16 -22.56 -20.02
N ARG B 67 6.20 -21.40 -20.66
CA ARG B 67 6.03 -21.36 -22.11
C ARG B 67 7.02 -22.31 -22.76
N ASP B 68 8.30 -22.15 -22.43
CA ASP B 68 9.29 -22.99 -23.08
C ASP B 68 9.09 -24.44 -22.70
N ALA B 69 8.75 -24.69 -21.45
CA ALA B 69 8.51 -26.06 -21.02
C ALA B 69 7.40 -26.69 -21.86
N VAL B 70 6.32 -25.95 -22.05
CA VAL B 70 5.21 -26.49 -22.83
C VAL B 70 5.61 -26.71 -24.28
N THR B 71 6.37 -25.78 -24.87
CA THR B 71 6.87 -26.00 -26.22
C THR B 71 7.57 -27.35 -26.30
N TYR B 72 8.35 -27.70 -25.26
CA TYR B 72 9.02 -29.00 -25.25
C TYR B 72 8.03 -30.16 -25.15
N THR B 73 7.06 -30.08 -24.22
CA THR B 73 6.05 -31.12 -24.10
C THR B 73 5.35 -31.34 -25.43
N GLU B 74 4.84 -30.25 -26.03
CA GLU B 74 4.19 -30.32 -27.33
C GLU B 74 5.04 -31.15 -28.29
N HIS B 75 6.33 -30.82 -28.40
CA HIS B 75 7.16 -31.45 -29.42
C HIS B 75 7.32 -32.94 -29.13
N ALA B 76 7.23 -33.33 -27.87
CA ALA B 76 7.29 -34.75 -27.52
C ALA B 76 5.95 -35.42 -27.69
N LYS B 77 4.93 -34.67 -28.12
CA LYS B 77 3.56 -35.17 -28.32
C LYS B 77 3.05 -35.81 -27.03
N ARG B 78 3.15 -35.04 -25.95
CA ARG B 78 2.68 -35.47 -24.65
C ARG B 78 1.64 -34.50 -24.12
N LYS B 79 0.90 -34.96 -23.11
CA LYS B 79 -0.08 -34.16 -22.40
C LYS B 79 0.38 -33.89 -20.98
N THR B 80 1.51 -34.46 -20.58
CA THR B 80 2.06 -34.28 -19.23
C THR B 80 3.39 -33.58 -19.34
N VAL B 81 3.51 -32.45 -18.67
CA VAL B 81 4.78 -31.74 -18.60
C VAL B 81 5.70 -32.46 -17.64
N THR B 82 6.86 -32.90 -18.14
CA THR B 82 7.82 -33.63 -17.33
C THR B 82 8.82 -32.67 -16.70
N ALA B 83 9.40 -33.12 -15.58
CA ALA B 83 10.48 -32.37 -14.96
C ALA B 83 11.58 -32.07 -15.96
N MET B 84 11.82 -32.99 -16.92
CA MET B 84 12.84 -32.77 -17.94
C MET B 84 12.50 -31.60 -18.85
N ASP B 85 11.22 -31.42 -19.19
CA ASP B 85 10.81 -30.26 -19.97
C ASP B 85 11.18 -28.97 -19.26
N VAL B 86 10.89 -28.92 -17.95
CA VAL B 86 11.21 -27.75 -17.12
C VAL B 86 12.71 -27.53 -17.04
N VAL B 87 13.46 -28.58 -16.73
CA VAL B 87 14.93 -28.51 -16.70
C VAL B 87 15.50 -27.98 -18.02
N TYR B 88 15.04 -28.53 -19.15
CA TYR B 88 15.45 -28.03 -20.45
C TYR B 88 15.10 -26.57 -20.66
N ALA B 89 13.96 -26.13 -20.13
CA ALA B 89 13.55 -24.74 -20.32
C ALA B 89 14.38 -23.79 -19.45
N LEU B 90 14.52 -24.12 -18.16
CA LEU B 90 15.43 -23.39 -17.29
C LEU B 90 16.80 -23.24 -17.93
N LYS B 91 17.35 -24.35 -18.41
CA LYS B 91 18.64 -24.32 -19.09
C LYS B 91 18.60 -23.36 -20.27
N ARG B 92 17.55 -23.45 -21.09
CA ARG B 92 17.35 -22.53 -22.20
C ARG B 92 17.49 -21.08 -21.75
N GLN B 93 16.95 -20.76 -20.58
CA GLN B 93 16.84 -19.40 -20.08
C GLN B 93 18.07 -18.96 -19.30
N GLY B 94 19.09 -19.81 -19.23
CA GLY B 94 20.28 -19.50 -18.47
C GLY B 94 20.09 -19.60 -16.98
N ARG B 95 19.25 -20.53 -16.54
CA ARG B 95 18.92 -20.74 -15.13
C ARG B 95 19.01 -22.22 -14.78
N THR B 96 20.08 -22.87 -15.25
CA THR B 96 20.31 -24.30 -15.05
C THR B 96 20.02 -24.75 -13.63
N LEU B 97 19.36 -25.90 -13.50
CA LEU B 97 18.94 -26.43 -12.21
C LEU B 97 19.44 -27.86 -12.07
N TYR B 98 20.14 -28.13 -10.95
CA TYR B 98 20.70 -29.43 -10.64
C TYR B 98 19.77 -30.17 -9.68
N GLY B 99 19.58 -31.45 -9.93
CA GLY B 99 18.88 -32.29 -8.98
C GLY B 99 17.54 -32.77 -9.44
N PHE B 100 17.23 -32.64 -10.72
CA PHE B 100 15.92 -33.02 -11.21
C PHE B 100 16.03 -33.77 -12.51
N GLY B 101 17.24 -34.09 -12.95
CA GLY B 101 17.43 -34.86 -14.16
C GLY B 101 18.41 -34.22 -15.11
N GLY B 102 19.06 -33.13 -14.67
CA GLY B 102 20.14 -32.51 -15.41
C GLY B 102 21.00 -33.47 -16.19
N ALA C 14 12.69 -25.58 -63.06
CA ALA C 14 13.18 -25.47 -61.70
C ALA C 14 14.25 -26.52 -61.34
N LYS C 15 15.52 -26.17 -61.48
CA LYS C 15 16.53 -27.15 -61.08
C LYS C 15 16.94 -26.95 -59.62
N THR C 16 17.09 -25.71 -59.17
CA THR C 16 17.57 -25.48 -57.81
C THR C 16 16.48 -25.80 -56.78
N ARG C 17 16.93 -26.16 -55.57
CA ARG C 17 16.02 -26.40 -54.45
C ARG C 17 15.49 -25.11 -53.89
N SER C 18 16.15 -24.00 -54.19
CA SER C 18 15.65 -22.69 -53.78
C SER C 18 14.41 -22.35 -54.58
N SER C 19 14.51 -22.51 -55.89
CA SER C 19 13.40 -22.33 -56.81
C SER C 19 12.19 -23.18 -56.42
N ARG C 20 12.38 -24.49 -56.27
CA ARG C 20 11.32 -25.39 -55.83
C ARG C 20 10.62 -24.93 -54.55
N ALA C 21 11.31 -24.13 -53.72
CA ALA C 21 10.81 -23.60 -52.46
C ALA C 21 10.33 -22.16 -52.54
N GLY C 22 10.69 -21.46 -53.61
CA GLY C 22 10.40 -20.05 -53.77
C GLY C 22 11.17 -19.20 -52.81
N LEU C 23 12.46 -19.49 -52.71
CA LEU C 23 13.33 -18.75 -51.83
C LEU C 23 14.44 -18.07 -52.61
N GLN C 24 14.98 -16.99 -52.01
CA GLN C 24 16.18 -16.34 -52.50
C GLN C 24 17.44 -16.90 -51.85
N PHE C 25 17.30 -17.59 -50.58
CA PHE C 25 18.35 -18.20 -49.77
C PHE C 25 18.62 -19.64 -50.20
N PRO C 26 19.88 -20.04 -50.15
CA PRO C 26 20.31 -21.29 -50.79
C PRO C 26 20.02 -22.54 -49.99
N VAL C 27 19.02 -23.31 -50.42
CA VAL C 27 18.65 -24.47 -49.62
C VAL C 27 19.75 -25.50 -49.66
N GLY C 28 20.47 -25.62 -50.77
CA GLY C 28 21.54 -26.58 -50.92
C GLY C 28 22.69 -26.34 -49.95
N ARG C 29 23.23 -25.12 -50.00
CA ARG C 29 24.28 -24.73 -49.06
C ARG C 29 23.84 -24.90 -47.61
N VAL C 30 22.59 -24.56 -47.30
CA VAL C 30 22.10 -24.74 -45.93
C VAL C 30 22.02 -26.21 -45.55
N HIS C 31 21.68 -27.08 -46.50
CA HIS C 31 21.67 -28.51 -46.24
C HIS C 31 23.09 -29.03 -46.01
N ARG C 32 24.03 -28.53 -46.81
CA ARG C 32 25.44 -28.85 -46.64
C ARG C 32 25.90 -28.49 -45.23
N LEU C 33 25.75 -27.22 -44.85
CA LEU C 33 26.15 -26.77 -43.52
C LEU C 33 25.47 -27.57 -42.40
N LEU C 34 24.21 -27.96 -42.58
CA LEU C 34 23.57 -28.75 -41.54
C LEU C 34 24.19 -30.14 -41.40
N ARG C 35 24.66 -30.72 -42.51
CA ARG C 35 25.34 -32.00 -42.43
C ARG C 35 26.78 -31.88 -41.89
N LYS C 36 27.56 -30.95 -42.45
CA LYS C 36 28.95 -30.73 -42.02
C LYS C 36 29.04 -29.98 -40.71
N GLY C 37 28.11 -30.22 -39.79
CA GLY C 37 28.02 -29.37 -38.62
C GLY C 37 27.79 -30.15 -37.36
N ASN C 38 27.65 -31.46 -37.52
CA ASN C 38 27.45 -32.39 -36.40
C ASN C 38 26.29 -31.94 -35.53
N TYR C 39 25.13 -31.83 -36.16
CA TYR C 39 23.90 -31.50 -35.45
C TYR C 39 23.09 -32.74 -35.14
N ALA C 40 23.05 -33.68 -36.08
CA ALA C 40 22.45 -34.99 -35.88
C ALA C 40 23.03 -35.89 -36.94
N GLU C 41 22.83 -37.21 -36.76
CA GLU C 41 23.27 -38.17 -37.76
C GLU C 41 22.74 -37.79 -39.13
N ARG C 42 21.42 -37.61 -39.22
CA ARG C 42 20.71 -37.43 -40.46
C ARG C 42 19.95 -36.11 -40.45
N VAL C 43 19.92 -35.44 -41.59
CA VAL C 43 19.19 -34.18 -41.75
C VAL C 43 18.08 -34.40 -42.77
N GLY C 44 16.83 -34.20 -42.32
CA GLY C 44 15.68 -34.31 -43.20
C GLY C 44 15.72 -33.36 -44.38
N ALA C 45 14.89 -33.66 -45.38
CA ALA C 45 14.87 -32.86 -46.60
C ALA C 45 14.18 -31.52 -46.40
N GLY C 46 13.25 -31.43 -45.44
CA GLY C 46 12.57 -30.17 -45.18
C GLY C 46 13.36 -29.18 -44.36
N ALA C 47 14.19 -29.66 -43.46
CA ALA C 47 15.01 -28.82 -42.59
C ALA C 47 15.73 -27.67 -43.30
N PRO C 48 16.59 -27.92 -44.31
CA PRO C 48 17.26 -26.76 -44.96
C PRO C 48 16.28 -25.76 -45.53
N VAL C 49 15.13 -26.24 -46.04
CA VAL C 49 14.14 -25.38 -46.66
C VAL C 49 13.53 -24.42 -45.63
N TYR C 50 12.94 -25.00 -44.57
CA TYR C 50 12.46 -24.22 -43.44
C TYR C 50 13.51 -23.24 -42.95
N LEU C 51 14.70 -23.74 -42.60
CA LEU C 51 15.75 -22.88 -42.06
C LEU C 51 16.13 -21.77 -43.04
N ALA C 52 16.29 -22.09 -44.33
CA ALA C 52 16.72 -21.07 -45.28
C ALA C 52 15.67 -20.00 -45.41
N ALA C 53 14.44 -20.38 -45.10
CA ALA C 53 13.30 -19.51 -45.25
C ALA C 53 13.18 -18.60 -44.03
N VAL C 54 13.20 -19.16 -42.83
CA VAL C 54 13.40 -18.37 -41.61
C VAL C 54 14.55 -17.38 -41.76
N LEU C 55 15.75 -17.86 -42.13
CA LEU C 55 16.89 -16.96 -42.36
C LEU C 55 16.54 -15.82 -43.31
N GLU C 56 15.82 -16.15 -44.37
CA GLU C 56 15.40 -15.13 -45.33
C GLU C 56 14.44 -14.13 -44.69
N TYR C 57 13.45 -14.63 -43.95
CA TYR C 57 12.50 -13.76 -43.26
C TYR C 57 13.18 -12.78 -42.32
N LEU C 58 14.07 -13.28 -41.47
CA LEU C 58 14.73 -12.36 -40.53
C LEU C 58 15.60 -11.38 -41.30
N THR C 59 16.32 -11.87 -42.32
CA THR C 59 17.11 -11.00 -43.17
C THR C 59 16.26 -9.83 -43.67
N ALA C 60 15.15 -10.12 -44.35
CA ALA C 60 14.27 -9.08 -44.89
C ALA C 60 13.74 -8.15 -43.82
N GLU C 61 13.35 -8.71 -42.68
CA GLU C 61 12.92 -7.89 -41.55
C GLU C 61 13.96 -6.85 -41.19
N ILE C 62 15.25 -7.22 -41.14
CA ILE C 62 16.26 -6.27 -40.70
C ILE C 62 16.62 -5.27 -41.80
N LEU C 63 16.77 -5.75 -43.03
CA LEU C 63 16.99 -4.86 -44.17
C LEU C 63 15.88 -3.84 -44.35
N GLU C 64 14.62 -4.25 -44.25
CA GLU C 64 13.51 -3.30 -44.22
C GLU C 64 13.80 -2.12 -43.31
N LEU C 65 14.08 -2.42 -42.04
CA LEU C 65 14.14 -1.38 -41.03
C LEU C 65 15.39 -0.55 -41.18
N ALA C 66 16.38 -1.08 -41.88
CA ALA C 66 17.68 -0.44 -41.97
C ALA C 66 17.84 0.35 -43.26
N GLY C 67 17.17 -0.10 -44.33
CA GLY C 67 16.90 0.80 -45.44
C GLY C 67 16.07 2.01 -45.03
N ASN C 68 15.08 1.81 -44.15
CA ASN C 68 14.32 2.93 -43.60
C ASN C 68 15.20 3.89 -42.82
N ALA C 69 15.93 3.37 -41.83
CA ALA C 69 16.92 4.20 -41.14
C ALA C 69 17.81 4.97 -42.12
N ALA C 70 18.38 4.27 -43.12
CA ALA C 70 19.25 4.91 -44.10
C ALA C 70 18.56 6.10 -44.78
N ARG C 71 17.31 5.90 -45.18
CA ARG C 71 16.56 6.96 -45.85
C ARG C 71 16.29 8.13 -44.90
N ASP C 72 15.87 7.86 -43.65
CA ASP C 72 15.76 8.94 -42.66
C ASP C 72 17.04 9.75 -42.58
N ASN C 73 18.17 9.12 -42.83
CA ASN C 73 19.46 9.77 -42.67
C ASN C 73 19.97 10.33 -44.00
N LYS C 74 19.15 10.26 -45.04
CA LYS C 74 19.44 10.85 -46.36
C LYS C 74 20.49 10.05 -47.13
N LYS C 75 20.52 8.72 -46.95
CA LYS C 75 21.58 7.90 -47.51
C LYS C 75 21.04 6.80 -48.40
N THR C 76 21.80 6.52 -49.46
CA THR C 76 21.49 5.46 -50.39
C THR C 76 21.95 4.10 -49.87
N ARG C 77 22.88 4.09 -48.92
CA ARG C 77 23.57 2.88 -48.47
C ARG C 77 23.34 2.59 -46.99
N ILE C 78 22.95 1.36 -46.69
CA ILE C 78 22.94 0.86 -45.32
C ILE C 78 24.38 0.75 -44.83
N ILE C 79 24.74 1.57 -43.85
CA ILE C 79 25.98 1.40 -43.11
C ILE C 79 25.62 0.75 -41.78
N PRO C 80 26.58 0.27 -40.99
CA PRO C 80 26.19 -0.52 -39.83
C PRO C 80 25.41 0.27 -38.80
N ARG C 81 25.55 1.59 -38.76
CA ARG C 81 24.73 2.35 -37.83
C ARG C 81 23.26 2.23 -38.14
N HIS C 82 22.93 2.08 -39.42
CA HIS C 82 21.53 1.92 -39.79
C HIS C 82 21.02 0.60 -39.30
N LEU C 83 21.88 -0.42 -39.27
CA LEU C 83 21.49 -1.71 -38.74
C LEU C 83 21.28 -1.63 -37.25
N GLN C 84 21.97 -0.71 -36.58
CA GLN C 84 21.96 -0.64 -35.14
C GLN C 84 20.73 0.14 -34.69
N LEU C 85 20.54 1.34 -35.26
CA LEU C 85 19.27 2.07 -35.16
C LEU C 85 18.08 1.15 -35.39
N ALA C 86 18.09 0.43 -36.51
CA ALA C 86 17.07 -0.58 -36.81
C ALA C 86 16.86 -1.57 -35.66
N VAL C 87 17.93 -2.25 -35.23
CA VAL C 87 17.76 -3.37 -34.31
C VAL C 87 17.32 -2.86 -32.94
N ARG C 88 17.87 -1.76 -32.50
CA ARG C 88 17.68 -1.30 -31.14
C ARG C 88 16.41 -0.49 -30.98
N ASN C 89 15.84 0.01 -32.08
CA ASN C 89 14.52 0.61 -32.00
C ASN C 89 13.38 -0.42 -32.11
N ASP C 90 13.62 -1.58 -32.72
CA ASP C 90 12.63 -2.67 -32.71
C ASP C 90 12.80 -3.51 -31.46
N GLU C 91 11.75 -3.56 -30.63
CA GLU C 91 11.75 -4.35 -29.42
C GLU C 91 12.22 -5.79 -29.65
N GLU C 92 11.67 -6.44 -30.68
CA GLU C 92 11.90 -7.87 -30.85
C GLU C 92 13.25 -8.15 -31.48
N LEU C 93 13.67 -7.31 -32.44
CA LEU C 93 15.04 -7.44 -32.94
C LEU C 93 16.02 -7.12 -31.82
N ASN C 94 15.74 -6.06 -31.07
CA ASN C 94 16.56 -5.71 -29.92
C ASN C 94 16.75 -6.91 -29.01
N LYS C 95 15.70 -7.73 -28.85
CA LYS C 95 15.83 -8.85 -27.92
C LYS C 95 16.57 -10.01 -28.55
N LEU C 96 16.22 -10.38 -29.79
CA LEU C 96 16.95 -11.43 -30.47
C LEU C 96 18.45 -11.16 -30.44
N LEU C 97 18.86 -9.92 -30.63
CA LEU C 97 20.28 -9.52 -30.59
C LEU C 97 20.68 -8.85 -29.28
N GLY C 98 20.18 -9.34 -28.15
CA GLY C 98 20.37 -8.62 -26.89
C GLY C 98 21.74 -8.82 -26.29
N ARG C 99 22.41 -9.90 -26.66
CA ARG C 99 23.79 -10.17 -26.30
C ARG C 99 24.70 -10.06 -27.50
N VAL C 100 24.42 -9.09 -28.35
CA VAL C 100 25.16 -8.95 -29.59
C VAL C 100 25.65 -7.51 -29.68
N THR C 101 26.77 -7.32 -30.38
CA THR C 101 27.42 -6.02 -30.49
C THR C 101 27.70 -5.78 -31.96
N ILE C 102 27.24 -4.64 -32.46
CA ILE C 102 27.17 -4.40 -33.89
C ILE C 102 28.28 -3.41 -34.12
N ALA C 103 29.43 -3.90 -34.60
CA ALA C 103 30.59 -3.04 -34.87
C ALA C 103 30.13 -1.71 -35.42
N GLN C 104 30.70 -0.63 -34.94
CA GLN C 104 30.54 0.65 -35.62
C GLN C 104 29.07 1.06 -35.68
N GLY C 105 28.28 0.69 -34.69
CA GLY C 105 26.88 1.08 -34.73
C GLY C 105 26.44 2.09 -33.71
N GLY C 106 27.24 2.33 -32.68
CA GLY C 106 26.93 3.40 -31.75
C GLY C 106 25.82 3.02 -30.78
N VAL C 107 25.18 4.05 -30.23
CA VAL C 107 24.07 3.87 -29.30
C VAL C 107 22.90 4.71 -29.77
N LEU C 108 21.72 4.46 -29.15
CA LEU C 108 20.55 5.32 -29.34
C LEU C 108 20.69 6.58 -28.49
N PRO C 109 20.36 7.74 -29.06
CA PRO C 109 20.26 8.97 -28.26
C PRO C 109 19.26 8.84 -27.12
N ASN C 110 19.76 8.91 -25.88
CA ASN C 110 18.91 8.78 -24.69
C ASN C 110 19.61 9.51 -23.55
N ILE C 111 19.16 10.73 -23.25
CA ILE C 111 19.59 11.47 -22.07
C ILE C 111 18.57 11.32 -20.95
N GLN C 112 19.06 10.98 -19.76
CA GLN C 112 18.20 10.84 -18.60
C GLN C 112 17.57 12.16 -18.17
N SER C 113 16.31 12.08 -17.72
CA SER C 113 15.52 13.27 -17.43
C SER C 113 16.16 14.17 -16.39
N VAL C 114 16.51 13.62 -15.22
CA VAL C 114 17.13 14.39 -14.14
C VAL C 114 18.39 15.14 -14.58
N LEU C 115 18.96 14.76 -15.72
CA LEU C 115 20.15 15.43 -16.23
C LEU C 115 19.80 16.67 -17.06
N LEU C 116 18.54 16.80 -17.46
CA LEU C 116 18.07 17.96 -18.20
C LEU C 116 18.00 19.20 -17.30
N PRO C 117 18.44 20.36 -17.79
CA PRO C 117 18.30 21.60 -17.03
C PRO C 117 16.84 21.94 -16.76
N LYS C 118 16.56 22.39 -15.54
CA LYS C 118 15.23 22.89 -15.19
C LYS C 118 15.17 24.42 -15.23
N ARG D 27 45.88 -16.23 -56.27
CA ARG D 27 44.44 -16.16 -56.54
C ARG D 27 43.72 -16.67 -55.31
N LYS D 28 43.22 -15.71 -54.53
CA LYS D 28 42.91 -15.92 -53.12
C LYS D 28 41.84 -16.97 -52.88
N THR D 29 41.91 -17.57 -51.69
CA THR D 29 41.06 -18.68 -51.26
C THR D 29 39.59 -18.29 -51.23
N ARG D 30 38.76 -19.16 -51.78
CA ARG D 30 37.32 -19.02 -51.80
C ARG D 30 36.76 -18.90 -50.38
N LYS D 31 36.18 -17.74 -50.04
CA LYS D 31 35.54 -17.49 -48.75
C LYS D 31 34.04 -17.33 -48.97
N GLU D 32 33.28 -18.35 -48.60
CA GLU D 32 31.83 -18.32 -48.76
C GLU D 32 31.16 -17.24 -47.91
N SER D 33 30.00 -16.79 -48.40
CA SER D 33 29.30 -15.62 -47.87
C SER D 33 27.83 -15.78 -48.18
N TYR D 34 26.99 -15.13 -47.36
CA TYR D 34 25.58 -14.96 -47.67
C TYR D 34 25.33 -13.64 -48.39
N ALA D 35 26.40 -12.95 -48.78
CA ALA D 35 26.30 -11.64 -49.41
C ALA D 35 25.28 -11.61 -50.54
N ILE D 36 25.35 -12.57 -51.47
CA ILE D 36 24.54 -12.47 -52.69
C ILE D 36 23.05 -12.53 -52.35
N TYR D 37 22.67 -13.40 -51.42
CA TYR D 37 21.29 -13.49 -50.98
C TYR D 37 20.86 -12.21 -50.27
N VAL D 38 21.74 -11.67 -49.42
CA VAL D 38 21.39 -10.48 -48.66
C VAL D 38 21.12 -9.32 -49.61
N TYR D 39 21.95 -9.18 -50.66
CA TYR D 39 21.70 -8.19 -51.71
C TYR D 39 20.40 -8.45 -52.43
N LYS D 40 20.02 -9.73 -52.59
CA LYS D 40 18.76 -10.04 -53.26
C LYS D 40 17.60 -9.53 -52.40
N VAL D 41 17.38 -10.14 -51.23
CA VAL D 41 16.38 -9.68 -50.28
C VAL D 41 16.33 -8.15 -50.20
N LEU D 42 17.49 -7.51 -50.05
CA LEU D 42 17.53 -6.05 -49.99
C LEU D 42 17.05 -5.40 -51.27
N LYS D 43 17.15 -6.09 -52.40
CA LYS D 43 16.72 -5.44 -53.64
C LYS D 43 15.22 -5.60 -53.80
N GLN D 44 14.67 -6.73 -53.33
CA GLN D 44 13.23 -6.89 -53.23
C GLN D 44 12.59 -5.84 -52.33
N VAL D 45 13.26 -5.51 -51.22
CA VAL D 45 12.62 -4.75 -50.15
C VAL D 45 12.98 -3.26 -50.20
N HIS D 46 14.02 -2.90 -50.93
CA HIS D 46 14.45 -1.52 -51.11
C HIS D 46 15.29 -1.50 -52.37
N PRO D 47 14.68 -1.35 -53.55
CA PRO D 47 15.41 -1.67 -54.78
C PRO D 47 16.43 -0.61 -55.15
N ASP D 48 16.41 0.56 -54.49
CA ASP D 48 17.38 1.60 -54.72
C ASP D 48 18.38 1.78 -53.56
N THR D 49 18.32 0.91 -52.54
CA THR D 49 19.21 1.01 -51.39
C THR D 49 20.46 0.14 -51.54
N GLY D 50 21.63 0.69 -51.18
CA GLY D 50 22.85 -0.08 -51.08
C GLY D 50 23.22 -0.57 -49.67
N ILE D 51 24.38 -1.24 -49.61
CA ILE D 51 24.93 -1.74 -48.34
C ILE D 51 26.47 -1.72 -48.38
N SER D 52 27.09 -1.16 -47.32
CA SER D 52 28.55 -1.11 -47.17
C SER D 52 29.14 -2.48 -46.80
N SER D 53 30.48 -2.58 -46.96
CA SER D 53 31.26 -3.70 -46.43
C SER D 53 30.90 -4.11 -45.02
N LYS D 54 31.00 -3.18 -44.07
CA LYS D 54 30.84 -3.54 -42.67
C LYS D 54 29.41 -3.99 -42.40
N ALA D 55 28.44 -3.20 -42.86
CA ALA D 55 27.04 -3.59 -42.81
C ALA D 55 26.82 -5.03 -43.28
N MET D 56 27.32 -5.37 -44.48
CA MET D 56 27.21 -6.75 -44.96
C MET D 56 27.93 -7.75 -44.05
N SER D 57 29.04 -7.34 -43.42
CA SER D 57 29.69 -8.26 -42.49
C SER D 57 28.80 -8.55 -41.30
N ILE D 58 28.17 -7.51 -40.74
CA ILE D 58 27.17 -7.69 -39.70
C ILE D 58 26.04 -8.59 -40.16
N MET D 59 25.44 -8.28 -41.31
CA MET D 59 24.38 -9.14 -41.85
C MET D 59 24.83 -10.60 -41.91
N ASN D 60 26.02 -10.84 -42.46
CA ASN D 60 26.58 -12.20 -42.53
C ASN D 60 26.76 -12.83 -41.16
N SER D 61 27.11 -12.04 -40.15
CA SER D 61 27.26 -12.59 -38.82
C SER D 61 25.89 -12.86 -38.19
N PHE D 62 24.92 -12.01 -38.47
CA PHE D 62 23.55 -12.27 -38.05
C PHE D 62 23.05 -13.61 -38.58
N VAL D 63 23.19 -13.82 -39.89
CA VAL D 63 22.69 -15.04 -40.51
C VAL D 63 23.40 -16.27 -39.96
N ASN D 64 24.72 -16.22 -39.84
CA ASN D 64 25.41 -17.33 -39.20
C ASN D 64 24.97 -17.53 -37.76
N ASP D 65 24.83 -16.44 -37.01
CA ASP D 65 24.48 -16.55 -35.60
C ASP D 65 23.14 -17.26 -35.45
N VAL D 66 22.10 -16.73 -36.09
CA VAL D 66 20.77 -17.31 -35.98
C VAL D 66 20.72 -18.73 -36.54
N PHE D 67 21.43 -18.98 -37.65
CA PHE D 67 21.63 -20.35 -38.12
C PHE D 67 22.13 -21.26 -37.00
N GLU D 68 23.24 -20.90 -36.35
CA GLU D 68 23.77 -21.73 -35.26
C GLU D 68 22.76 -21.90 -34.14
N ARG D 69 22.05 -20.83 -33.77
CA ARG D 69 21.13 -20.93 -32.64
C ARG D 69 19.98 -21.88 -32.92
N ILE D 70 19.39 -21.79 -34.12
CA ILE D 70 18.29 -22.68 -34.46
C ILE D 70 18.78 -24.10 -34.62
N ALA D 71 19.82 -24.30 -35.41
CA ALA D 71 20.38 -25.64 -35.57
C ALA D 71 20.70 -26.27 -34.22
N GLY D 72 21.33 -25.50 -33.33
CA GLY D 72 21.64 -26.02 -32.01
C GLY D 72 20.41 -26.46 -31.24
N GLU D 73 19.39 -25.62 -31.21
CA GLU D 73 18.20 -26.01 -30.48
C GLU D 73 17.51 -27.23 -31.08
N ALA D 74 17.54 -27.35 -32.41
CA ALA D 74 16.99 -28.54 -33.06
C ALA D 74 17.75 -29.80 -32.66
N SER D 75 19.09 -29.74 -32.78
CA SER D 75 19.94 -30.82 -32.30
C SER D 75 19.57 -31.25 -30.89
N ARG D 76 19.42 -30.29 -29.98
CA ARG D 76 19.01 -30.64 -28.62
C ARG D 76 17.63 -31.29 -28.58
N LEU D 77 16.66 -30.77 -29.33
CA LEU D 77 15.33 -31.40 -29.36
C LEU D 77 15.38 -32.86 -29.81
N ALA D 78 16.07 -33.13 -30.92
CA ALA D 78 16.27 -34.50 -31.37
C ALA D 78 16.88 -35.35 -30.28
N HIS D 79 18.06 -34.96 -29.79
CA HIS D 79 18.70 -35.70 -28.70
C HIS D 79 17.74 -35.96 -27.54
N TYR D 80 16.94 -34.95 -27.17
CA TYR D 80 16.04 -35.10 -26.03
C TYR D 80 14.98 -36.12 -26.31
N ASN D 81 14.63 -36.33 -27.57
CA ASN D 81 13.55 -37.25 -27.90
C ASN D 81 14.07 -38.56 -28.49
N LYS D 82 15.38 -38.79 -28.38
CA LYS D 82 16.03 -39.99 -28.91
C LYS D 82 15.81 -40.15 -30.42
N ARG D 83 15.81 -39.05 -31.16
CA ARG D 83 15.70 -39.10 -32.61
C ARG D 83 17.04 -38.85 -33.27
N SER D 84 17.29 -39.57 -34.36
CA SER D 84 18.55 -39.49 -35.10
C SER D 84 18.50 -38.44 -36.20
N THR D 85 17.33 -37.84 -36.42
CA THR D 85 17.04 -37.00 -37.57
C THR D 85 16.57 -35.61 -37.14
N ILE D 86 17.08 -34.60 -37.81
CA ILE D 86 16.59 -33.24 -37.71
C ILE D 86 15.66 -33.01 -38.90
N THR D 87 14.36 -32.93 -38.61
CA THR D 87 13.31 -32.65 -39.57
C THR D 87 12.81 -31.22 -39.37
N SER D 88 12.22 -30.68 -40.44
CA SER D 88 11.51 -29.41 -40.37
C SER D 88 10.67 -29.24 -39.11
N ARG D 89 10.18 -30.33 -38.51
CA ARG D 89 9.48 -30.20 -37.23
C ARG D 89 10.40 -29.78 -36.08
N GLU D 90 11.67 -30.17 -36.17
CA GLU D 90 12.63 -29.75 -35.16
C GLU D 90 13.02 -28.30 -35.36
N ILE D 91 13.34 -27.92 -36.59
CA ILE D 91 13.51 -26.50 -36.91
C ILE D 91 12.34 -25.66 -36.42
N GLN D 92 11.11 -26.13 -36.65
CA GLN D 92 9.93 -25.37 -36.27
C GLN D 92 9.87 -25.12 -34.77
N THR D 93 10.00 -26.20 -33.98
CA THR D 93 10.02 -26.00 -32.53
C THR D 93 11.21 -25.15 -32.10
N ALA D 94 12.37 -25.34 -32.75
CA ALA D 94 13.53 -24.49 -32.46
C ALA D 94 13.19 -23.02 -32.63
N VAL D 95 12.45 -22.72 -33.69
CA VAL D 95 12.08 -21.34 -33.97
C VAL D 95 11.13 -20.84 -32.90
N ARG D 96 10.26 -21.72 -32.39
CA ARG D 96 9.30 -21.27 -31.39
C ARG D 96 9.96 -21.02 -30.04
N LEU D 97 10.89 -21.89 -29.64
CA LEU D 97 11.66 -21.61 -28.43
C LEU D 97 12.57 -20.39 -28.56
N LEU D 98 13.18 -20.22 -29.73
CA LEU D 98 14.16 -19.15 -29.92
C LEU D 98 13.66 -17.74 -30.24
N LEU D 99 12.70 -17.60 -31.16
CA LEU D 99 12.24 -16.26 -31.54
C LEU D 99 11.17 -15.72 -30.59
N PRO D 100 11.13 -14.38 -30.47
CA PRO D 100 10.06 -13.74 -29.70
C PRO D 100 8.76 -13.67 -30.51
N GLY D 101 7.68 -14.05 -29.82
CA GLY D 101 6.29 -13.95 -30.24
C GLY D 101 5.96 -13.77 -31.70
N GLU D 102 5.89 -12.50 -32.08
CA GLU D 102 5.45 -12.16 -33.42
C GLU D 102 6.46 -12.64 -34.46
N LEU D 103 7.77 -12.48 -34.18
CA LEU D 103 8.78 -12.85 -35.15
C LEU D 103 8.71 -14.34 -35.40
N ALA D 104 8.43 -15.10 -34.34
CA ALA D 104 8.25 -16.54 -34.45
C ALA D 104 7.05 -16.85 -35.32
N LYS D 105 5.88 -16.34 -34.94
CA LYS D 105 4.67 -16.50 -35.74
C LYS D 105 4.96 -16.38 -37.23
N HIS D 106 5.52 -15.23 -37.62
CA HIS D 106 5.81 -15.01 -39.04
C HIS D 106 6.84 -15.97 -39.60
N ALA D 107 7.86 -16.34 -38.81
CA ALA D 107 8.87 -17.22 -39.37
C ALA D 107 8.31 -18.62 -39.56
N VAL D 108 7.49 -19.08 -38.62
CA VAL D 108 6.80 -20.36 -38.71
C VAL D 108 5.93 -20.44 -39.97
N SER D 109 5.05 -19.45 -40.19
CA SER D 109 4.23 -19.51 -41.41
C SER D 109 5.06 -19.44 -42.68
N GLU D 110 6.13 -18.63 -42.69
CA GLU D 110 6.97 -18.54 -43.87
C GLU D 110 7.81 -19.79 -44.09
N GLY D 111 7.95 -20.63 -43.07
CA GLY D 111 8.72 -21.87 -43.18
C GLY D 111 7.81 -22.99 -43.63
N THR D 112 6.67 -23.13 -42.96
CA THR D 112 5.67 -24.11 -43.37
C THR D 112 5.26 -23.90 -44.83
N LYS D 113 5.13 -22.64 -45.24
CA LYS D 113 4.83 -22.34 -46.64
C LYS D 113 5.89 -22.91 -47.58
N ALA D 114 7.16 -22.77 -47.19
CA ALA D 114 8.26 -23.24 -48.03
C ALA D 114 8.28 -24.77 -48.10
N VAL D 115 8.11 -25.42 -46.95
CA VAL D 115 8.02 -26.89 -46.91
C VAL D 115 6.87 -27.41 -47.74
N THR D 116 5.67 -26.85 -47.57
CA THR D 116 4.52 -27.28 -48.37
C THR D 116 4.82 -27.23 -49.87
N LYS D 117 5.21 -26.06 -50.35
CA LYS D 117 5.68 -26.04 -51.71
C LYS D 117 6.63 -27.16 -52.00
N TYR D 118 7.77 -27.18 -51.28
CA TYR D 118 8.86 -28.02 -51.65
C TYR D 118 8.32 -29.42 -51.82
N THR D 119 7.49 -29.83 -50.86
CA THR D 119 6.98 -31.19 -50.87
C THR D 119 6.15 -31.46 -52.14
N SER D 120 5.33 -30.49 -52.57
CA SER D 120 4.56 -30.79 -53.77
C SER D 120 5.39 -30.69 -55.05
N ALA D 121 6.33 -29.76 -55.13
CA ALA D 121 7.16 -29.65 -56.33
C ALA D 121 8.54 -30.27 -56.10
N PRO E 38 35.94 36.04 -21.07
CA PRO E 38 34.85 36.52 -21.92
C PRO E 38 33.45 35.92 -21.84
N HIS E 39 33.30 34.73 -22.39
CA HIS E 39 32.14 33.87 -22.20
C HIS E 39 32.46 32.53 -21.57
N ARG E 40 31.57 32.07 -20.68
CA ARG E 40 31.74 30.86 -19.86
C ARG E 40 30.37 30.19 -19.75
N TYR E 41 30.31 28.92 -20.16
CA TYR E 41 29.15 28.09 -19.99
C TYR E 41 29.08 27.49 -18.59
N ARG E 42 27.88 27.43 -18.09
CA ARG E 42 27.59 26.82 -16.81
C ARG E 42 27.94 25.31 -16.75
N PRO E 43 28.40 24.81 -15.60
CA PRO E 43 28.77 23.37 -15.50
C PRO E 43 27.53 22.46 -15.69
N GLY E 44 27.70 21.59 -16.71
CA GLY E 44 26.74 20.63 -17.20
C GLY E 44 26.33 20.92 -18.64
N THR E 45 26.60 22.12 -19.12
CA THR E 45 26.17 22.51 -20.47
C THR E 45 27.02 21.89 -21.57
N VAL E 46 28.34 21.86 -21.37
CA VAL E 46 29.18 21.22 -22.37
C VAL E 46 29.13 19.72 -22.22
N ALA E 47 28.97 19.23 -20.99
CA ALA E 47 28.76 17.81 -20.73
C ALA E 47 27.55 17.26 -21.49
N LEU E 48 26.41 17.96 -21.40
CA LEU E 48 25.20 17.55 -22.10
C LEU E 48 25.39 17.64 -23.62
N ARG E 49 26.10 18.67 -24.06
CA ARG E 49 26.41 18.79 -25.48
C ARG E 49 27.27 17.61 -25.97
N GLU E 50 28.20 17.15 -25.11
CA GLU E 50 29.04 16.03 -25.46
C GLU E 50 28.26 14.72 -25.46
N ILE E 51 27.27 14.57 -24.59
CA ILE E 51 26.44 13.37 -24.62
C ILE E 51 25.76 13.27 -25.97
N ARG E 52 25.03 14.32 -26.33
CA ARG E 52 24.36 14.30 -27.65
C ARG E 52 25.34 14.02 -28.79
N ARG E 53 26.55 14.59 -28.71
CA ARG E 53 27.52 14.41 -29.79
C ARG E 53 27.97 12.96 -29.91
N TYR E 54 28.37 12.36 -28.81
CA TYR E 54 28.93 11.02 -28.89
C TYR E 54 27.86 9.95 -29.05
N GLN E 55 26.60 10.29 -28.76
CA GLN E 55 25.50 9.38 -29.06
C GLN E 55 25.06 9.49 -30.52
N LYS E 56 25.59 10.47 -31.25
CA LYS E 56 25.22 10.56 -32.65
C LYS E 56 26.15 9.76 -33.54
N SER E 57 27.41 9.58 -33.12
CA SER E 57 28.46 8.95 -33.90
C SER E 57 28.71 7.51 -33.45
N THR E 58 29.57 6.83 -34.22
CA THR E 58 29.88 5.40 -34.04
C THR E 58 31.38 5.14 -34.01
N GLU E 59 32.20 6.16 -34.16
CA GLU E 59 33.65 6.01 -34.20
C GLU E 59 34.21 5.64 -32.84
N LEU E 60 35.31 4.89 -32.86
CA LEU E 60 35.92 4.50 -31.60
C LEU E 60 36.43 5.75 -30.90
N LEU E 61 36.42 5.72 -29.57
CA LEU E 61 36.72 6.87 -28.73
C LEU E 61 38.06 6.73 -28.03
N ILE E 62 38.62 5.54 -27.98
CA ILE E 62 39.98 5.39 -27.48
C ILE E 62 40.92 5.56 -28.67
N ARG E 63 42.02 6.26 -28.44
CA ARG E 63 43.07 6.39 -29.48
C ARG E 63 43.74 5.06 -29.78
N LYS E 64 43.86 4.81 -31.08
CA LYS E 64 44.09 3.47 -31.62
C LYS E 64 45.43 2.92 -31.17
N LEU E 65 46.48 3.74 -31.15
CA LEU E 65 47.83 3.27 -30.80
C LEU E 65 47.98 2.95 -29.32
N PRO E 66 47.51 3.83 -28.36
CA PRO E 66 47.50 3.43 -26.93
C PRO E 66 46.81 2.11 -26.67
N PHE E 67 45.60 1.98 -27.25
CA PHE E 67 44.89 0.72 -27.13
C PHE E 67 45.71 -0.46 -27.65
N GLN E 68 46.25 -0.35 -28.87
CA GLN E 68 47.04 -1.45 -29.42
C GLN E 68 48.18 -1.83 -28.48
N ARG E 69 48.90 -0.84 -27.94
CA ARG E 69 50.02 -1.13 -27.04
C ARG E 69 49.54 -1.82 -25.77
N LEU E 70 48.34 -1.47 -25.31
CA LEU E 70 47.80 -2.16 -24.14
C LEU E 70 47.44 -3.62 -24.48
N VAL E 71 46.95 -3.86 -25.70
CA VAL E 71 46.60 -5.22 -26.12
C VAL E 71 47.84 -6.08 -26.22
N ARG E 72 48.89 -5.55 -26.84
CA ARG E 72 50.13 -6.31 -26.97
C ARG E 72 50.75 -6.58 -25.61
N GLU E 73 50.76 -5.60 -24.70
CA GLU E 73 51.25 -5.84 -23.35
C GLU E 73 50.47 -6.92 -22.60
N ILE E 74 49.14 -6.83 -22.58
CA ILE E 74 48.41 -7.86 -21.85
C ILE E 74 48.65 -9.22 -22.47
N ALA E 75 48.71 -9.29 -23.80
CA ALA E 75 48.89 -10.59 -24.44
C ALA E 75 50.30 -11.10 -24.19
N GLN E 76 51.29 -10.20 -24.23
CA GLN E 76 52.67 -10.56 -23.91
C GLN E 76 52.75 -11.31 -22.59
N ASP E 77 52.03 -10.83 -21.55
CA ASP E 77 52.00 -11.49 -20.23
C ASP E 77 51.30 -12.85 -20.25
N PHE E 78 50.73 -13.25 -21.38
CA PHE E 78 50.13 -14.57 -21.57
C PHE E 78 51.02 -15.40 -22.46
N LYS E 79 51.46 -14.89 -23.60
CA LYS E 79 52.40 -15.69 -24.35
C LYS E 79 53.31 -14.75 -25.12
N THR E 80 54.62 -15.01 -25.08
CA THR E 80 55.57 -14.13 -25.74
C THR E 80 55.59 -14.41 -27.22
N ASP E 81 56.00 -13.39 -27.93
CA ASP E 81 56.22 -13.33 -29.36
C ASP E 81 54.91 -13.75 -30.05
N LEU E 82 54.00 -12.78 -30.12
CA LEU E 82 52.68 -12.98 -30.66
C LEU E 82 52.50 -11.83 -31.63
N ARG E 83 51.95 -12.16 -32.77
CA ARG E 83 51.59 -11.19 -33.79
C ARG E 83 50.08 -10.98 -33.75
N PHE E 84 49.63 -9.82 -34.19
CA PHE E 84 48.20 -9.59 -34.19
C PHE E 84 47.77 -9.20 -35.57
N GLN E 85 46.70 -9.82 -36.07
CA GLN E 85 46.10 -9.22 -37.27
C GLN E 85 45.61 -7.86 -36.80
N SER E 86 45.66 -6.86 -37.69
CA SER E 86 45.19 -5.54 -37.29
C SER E 86 43.71 -5.57 -36.98
N SER E 87 42.95 -6.38 -37.71
CA SER E 87 41.53 -6.56 -37.45
C SER E 87 41.27 -7.25 -36.13
N ALA E 88 42.22 -8.04 -35.62
CA ALA E 88 41.99 -8.66 -34.33
C ALA E 88 42.04 -7.58 -33.24
N VAL E 89 42.86 -6.54 -33.44
CA VAL E 89 42.92 -5.45 -32.48
C VAL E 89 41.69 -4.58 -32.65
N MET E 90 41.27 -4.32 -33.89
CA MET E 90 40.02 -3.59 -34.10
C MET E 90 38.84 -4.32 -33.43
N ALA E 91 38.81 -5.66 -33.52
CA ALA E 91 37.74 -6.43 -32.89
C ALA E 91 37.79 -6.33 -31.37
N LEU E 92 39.00 -6.36 -30.80
CA LEU E 92 39.10 -6.22 -29.36
C LEU E 92 38.70 -4.82 -28.91
N GLN E 93 38.99 -3.82 -29.73
CA GLN E 93 38.62 -2.44 -29.38
C GLN E 93 37.14 -2.16 -29.55
N GLU E 94 36.51 -2.68 -30.62
CA GLU E 94 35.08 -2.53 -30.80
C GLU E 94 34.34 -3.15 -29.64
N ALA E 95 34.71 -4.38 -29.29
CA ALA E 95 34.03 -5.05 -28.18
C ALA E 95 34.29 -4.33 -26.86
N SER E 96 35.55 -3.99 -26.57
CA SER E 96 35.93 -3.32 -25.31
C SER E 96 35.19 -2.01 -25.11
N GLU E 97 35.16 -1.16 -26.15
CA GLU E 97 34.44 0.11 -26.03
C GLU E 97 32.92 -0.13 -25.91
N ALA E 98 32.38 -1.09 -26.64
CA ALA E 98 30.96 -1.42 -26.45
C ALA E 98 30.66 -1.86 -25.02
N TYR E 99 31.56 -2.65 -24.43
CA TYR E 99 31.40 -3.09 -23.04
C TYR E 99 31.43 -1.92 -22.08
N LEU E 100 32.30 -0.95 -22.33
CA LEU E 100 32.42 0.12 -21.36
C LEU E 100 31.27 1.09 -21.51
N VAL E 101 30.87 1.40 -22.75
CA VAL E 101 29.66 2.20 -22.97
C VAL E 101 28.45 1.63 -22.21
N ALA E 102 28.12 0.35 -22.46
CA ALA E 102 26.99 -0.27 -21.76
C ALA E 102 27.18 -0.36 -20.22
N LEU E 103 28.42 -0.53 -19.79
CA LEU E 103 28.68 -0.51 -18.35
C LEU E 103 28.48 0.89 -17.75
N PHE E 104 28.88 1.91 -18.47
CA PHE E 104 28.63 3.28 -18.02
C PHE E 104 27.15 3.55 -18.01
N GLU E 105 26.37 2.92 -18.90
CA GLU E 105 24.91 3.06 -18.83
C GLU E 105 24.39 2.52 -17.50
N ASP E 106 24.78 1.29 -17.15
CA ASP E 106 24.28 0.74 -15.89
C ASP E 106 24.80 1.55 -14.70
N THR E 107 26.05 1.98 -14.77
CA THR E 107 26.64 2.80 -13.72
C THR E 107 25.84 4.08 -13.53
N ASN E 108 25.43 4.68 -14.63
CA ASN E 108 24.66 5.91 -14.56
C ASN E 108 23.34 5.68 -13.85
N LEU E 109 22.69 4.54 -14.14
CA LEU E 109 21.43 4.27 -13.44
C LEU E 109 21.65 4.05 -11.96
N CYS E 110 22.71 3.35 -11.56
CA CYS E 110 23.01 3.22 -10.14
C CYS E 110 23.22 4.57 -9.47
N ALA E 111 23.96 5.46 -10.12
CA ALA E 111 24.11 6.82 -9.59
C ALA E 111 22.75 7.50 -9.40
N ILE E 112 21.95 7.55 -10.47
CA ILE E 112 20.62 8.14 -10.35
C ILE E 112 19.79 7.47 -9.25
N HIS E 113 19.89 6.15 -9.13
CA HIS E 113 19.20 5.43 -8.06
C HIS E 113 19.58 5.97 -6.69
N ALA E 114 20.81 6.46 -6.53
CA ALA E 114 21.20 7.03 -5.25
C ALA E 114 21.05 8.55 -5.26
N LYS E 115 20.02 9.05 -5.97
CA LYS E 115 19.68 10.48 -6.07
C LYS E 115 20.87 11.35 -6.44
N ARG E 116 21.86 10.76 -7.08
CA ARG E 116 23.06 11.47 -7.50
C ARG E 116 23.07 11.64 -9.02
N VAL E 117 23.94 12.54 -9.45
CA VAL E 117 24.13 12.89 -10.86
C VAL E 117 25.53 12.50 -11.28
N THR E 118 26.39 12.19 -10.32
CA THR E 118 27.80 11.93 -10.49
C THR E 118 28.01 10.43 -10.34
N ILE E 119 28.65 9.81 -11.34
CA ILE E 119 28.99 8.39 -11.22
C ILE E 119 30.22 8.22 -10.34
N MET E 120 30.21 7.17 -9.53
CA MET E 120 31.30 6.90 -8.60
C MET E 120 31.71 5.44 -8.67
N PRO E 121 32.96 5.11 -8.28
CA PRO E 121 33.42 3.71 -8.37
C PRO E 121 32.44 2.72 -7.78
N LYS E 122 31.71 3.15 -6.74
CA LYS E 122 30.75 2.27 -6.08
C LYS E 122 29.56 1.97 -7.00
N ASP E 123 29.25 2.85 -7.96
CA ASP E 123 28.16 2.57 -8.90
C ASP E 123 28.61 1.51 -9.90
N ILE E 124 29.86 1.61 -10.36
CA ILE E 124 30.43 0.59 -11.23
C ILE E 124 30.41 -0.75 -10.52
N GLN E 125 30.83 -0.76 -9.26
CA GLN E 125 30.90 -2.01 -8.52
C GLN E 125 29.51 -2.60 -8.27
N LEU E 126 28.50 -1.78 -8.02
CA LEU E 126 27.14 -2.32 -7.91
C LEU E 126 26.69 -2.90 -9.24
N ALA E 127 26.94 -2.17 -10.32
CA ALA E 127 26.59 -2.68 -11.64
C ALA E 127 27.18 -4.05 -11.87
N ARG E 128 28.51 -4.16 -11.74
CA ARG E 128 29.20 -5.40 -12.06
C ARG E 128 28.76 -6.54 -11.14
N ARG E 129 28.55 -6.24 -9.86
CA ARG E 129 28.02 -7.26 -8.95
C ARG E 129 26.69 -7.83 -9.46
N ILE E 130 25.73 -6.95 -9.73
CA ILE E 130 24.43 -7.41 -10.23
C ILE E 130 24.55 -8.20 -11.53
N ARG E 131 25.28 -7.66 -12.51
CA ARG E 131 25.59 -8.39 -13.76
C ARG E 131 26.20 -9.75 -13.54
N GLY E 132 26.69 -10.04 -12.34
CA GLY E 132 27.38 -11.27 -12.03
C GLY E 132 28.79 -11.35 -12.55
N GLU E 133 29.39 -10.21 -12.85
CA GLU E 133 30.81 -10.15 -13.18
C GLU E 133 31.63 -10.12 -11.90
N ARG E 134 31.35 -9.16 -11.02
CA ARG E 134 31.94 -9.03 -9.67
C ARG E 134 33.25 -8.25 -9.83
N LYS F 20 61.57 -10.32 -18.21
CA LYS F 20 61.38 -8.97 -17.69
C LYS F 20 59.90 -8.72 -17.43
N VAL F 21 59.58 -7.72 -16.63
CA VAL F 21 58.20 -7.41 -16.31
C VAL F 21 57.73 -6.23 -17.16
N LEU F 22 56.58 -6.38 -17.80
CA LEU F 22 55.96 -5.31 -18.55
C LEU F 22 54.95 -4.60 -17.66
N ARG F 23 54.91 -3.27 -17.78
CA ARG F 23 54.03 -2.44 -16.98
C ARG F 23 53.82 -1.12 -17.72
N ASP F 24 53.07 -0.21 -17.11
CA ASP F 24 53.00 1.18 -17.57
C ASP F 24 52.61 1.23 -19.05
N ASN F 25 51.33 0.90 -19.27
CA ASN F 25 50.67 0.99 -20.58
C ASN F 25 49.19 1.26 -20.42
N ILE F 26 48.60 0.69 -19.37
CA ILE F 26 47.19 0.92 -19.06
C ILE F 26 46.88 2.41 -19.06
N GLN F 27 47.82 3.24 -18.61
CA GLN F 27 47.60 4.68 -18.60
C GLN F 27 47.46 5.29 -19.98
N GLY F 28 47.72 4.55 -21.04
CA GLY F 28 47.40 5.04 -22.37
C GLY F 28 45.92 5.16 -22.59
N ILE F 29 45.11 4.52 -21.74
CA ILE F 29 43.67 4.76 -21.69
C ILE F 29 43.50 5.96 -20.77
N THR F 30 43.42 7.13 -21.39
CA THR F 30 43.56 8.42 -20.72
C THR F 30 42.24 8.87 -20.11
N LYS F 31 42.35 9.92 -19.30
CA LYS F 31 41.18 10.56 -18.69
C LYS F 31 40.17 11.07 -19.73
N PRO F 32 40.56 11.88 -20.73
CA PRO F 32 39.55 12.31 -21.73
C PRO F 32 38.93 11.19 -22.53
N ALA F 33 39.64 10.08 -22.74
CA ALA F 33 39.08 8.93 -23.45
C ALA F 33 38.01 8.23 -22.64
N ILE F 34 38.29 7.99 -21.36
CA ILE F 34 37.29 7.40 -20.49
C ILE F 34 36.11 8.34 -20.40
N ARG F 35 36.38 9.64 -20.47
CA ARG F 35 35.30 10.62 -20.39
C ARG F 35 34.38 10.49 -21.59
N ARG F 36 34.94 10.41 -22.80
CA ARG F 36 34.14 10.21 -24.01
C ARG F 36 33.30 8.93 -23.96
N LEU F 37 33.89 7.85 -23.45
CA LEU F 37 33.09 6.64 -23.33
C LEU F 37 31.94 6.87 -22.38
N ALA F 38 32.21 7.51 -21.24
CA ALA F 38 31.15 7.81 -20.28
C ALA F 38 30.07 8.64 -20.93
N ARG F 39 30.46 9.62 -21.75
CA ARG F 39 29.48 10.47 -22.43
C ARG F 39 28.56 9.65 -23.33
N ARG F 40 29.12 8.82 -24.21
CA ARG F 40 28.29 7.92 -25.01
C ARG F 40 27.40 7.02 -24.17
N GLY F 41 27.78 6.76 -22.91
CA GLY F 41 26.98 6.02 -21.96
C GLY F 41 25.95 6.85 -21.24
N GLY F 42 25.95 8.16 -21.51
CA GLY F 42 24.97 9.08 -20.95
C GLY F 42 25.36 9.68 -19.63
N VAL F 43 26.64 9.63 -19.26
CA VAL F 43 27.10 10.12 -17.96
C VAL F 43 27.41 11.61 -18.00
N LYS F 44 26.82 12.33 -17.06
CA LYS F 44 26.98 13.79 -16.99
C LYS F 44 28.18 14.21 -16.15
N ARG F 45 28.32 13.65 -14.95
CA ARG F 45 29.33 14.06 -13.99
C ARG F 45 30.12 12.84 -13.53
N ILE F 46 31.43 12.98 -13.45
CA ILE F 46 32.33 11.84 -13.23
C ILE F 46 33.24 12.17 -12.04
N SER F 47 33.14 11.36 -10.99
CA SER F 47 34.05 11.47 -9.84
C SER F 47 35.49 11.30 -10.30
N GLY F 48 36.43 11.81 -9.49
CA GLY F 48 37.82 11.73 -9.86
C GLY F 48 38.38 10.32 -9.78
N LEU F 49 37.80 9.47 -8.92
CA LEU F 49 38.31 8.12 -8.75
C LEU F 49 37.84 7.15 -9.82
N ILE F 50 36.95 7.56 -10.71
CA ILE F 50 36.42 6.64 -11.71
C ILE F 50 37.48 6.18 -12.71
N TYR F 51 38.45 7.05 -13.01
CA TYR F 51 39.37 6.77 -14.11
C TYR F 51 40.25 5.57 -13.83
N GLU F 52 40.86 5.53 -12.64
CA GLU F 52 41.68 4.38 -12.32
C GLU F 52 40.80 3.15 -12.18
N GLU F 53 39.57 3.35 -11.69
CA GLU F 53 38.66 2.21 -11.57
C GLU F 53 38.32 1.64 -12.93
N THR F 54 38.17 2.52 -13.93
CA THR F 54 37.78 2.01 -15.23
C THR F 54 38.94 1.32 -15.90
N ARG F 55 40.15 1.72 -15.54
CA ARG F 55 41.31 1.04 -16.06
C ARG F 55 41.37 -0.38 -15.55
N GLY F 56 41.07 -0.56 -14.26
CA GLY F 56 41.11 -1.89 -13.71
C GLY F 56 40.03 -2.74 -14.33
N VAL F 57 38.85 -2.17 -14.51
CA VAL F 57 37.78 -2.92 -15.15
C VAL F 57 38.19 -3.36 -16.55
N LEU F 58 38.70 -2.42 -17.36
CA LEU F 58 39.06 -2.80 -18.73
C LEU F 58 40.20 -3.81 -18.78
N LYS F 59 41.14 -3.72 -17.88
CA LYS F 59 42.17 -4.75 -17.85
C LYS F 59 41.54 -6.11 -17.56
N VAL F 60 40.70 -6.21 -16.51
CA VAL F 60 40.09 -7.50 -16.24
C VAL F 60 39.37 -8.01 -17.48
N PHE F 61 38.63 -7.13 -18.15
CA PHE F 61 37.95 -7.55 -19.37
C PHE F 61 38.92 -8.03 -20.44
N LEU F 62 39.93 -7.22 -20.77
CA LEU F 62 40.90 -7.60 -21.80
C LEU F 62 41.63 -8.88 -21.42
N GLU F 63 42.01 -9.03 -20.14
CA GLU F 63 42.63 -10.26 -19.69
C GLU F 63 41.76 -11.48 -20.01
N ASN F 64 40.48 -11.44 -19.61
CA ASN F 64 39.61 -12.61 -19.75
C ASN F 64 39.45 -13.02 -21.21
N VAL F 65 39.31 -12.04 -22.10
CA VAL F 65 39.08 -12.29 -23.54
C VAL F 65 40.35 -12.71 -24.26
N ILE F 66 41.45 -11.98 -24.02
CA ILE F 66 42.72 -12.31 -24.68
C ILE F 66 43.20 -13.67 -24.22
N ARG F 67 42.98 -14.00 -22.94
CA ARG F 67 43.31 -15.34 -22.49
C ARG F 67 42.64 -16.36 -23.38
N ASP F 68 41.34 -16.22 -23.60
CA ASP F 68 40.64 -17.19 -24.44
C ASP F 68 41.08 -17.13 -25.88
N ALA F 69 41.31 -15.93 -26.41
CA ALA F 69 41.77 -15.81 -27.78
C ALA F 69 43.07 -16.56 -28.01
N VAL F 70 43.99 -16.36 -27.08
CA VAL F 70 45.29 -17.01 -27.17
C VAL F 70 45.14 -18.51 -27.04
N THR F 71 44.29 -18.96 -26.11
CA THR F 71 44.03 -20.40 -26.02
C THR F 71 43.61 -20.97 -27.36
N TYR F 72 42.78 -20.23 -28.09
CA TYR F 72 42.37 -20.71 -29.40
C TYR F 72 43.53 -20.68 -30.38
N THR F 73 44.26 -19.55 -30.38
CA THR F 73 45.44 -19.40 -31.23
C THR F 73 46.43 -20.52 -30.99
N GLU F 74 46.78 -20.76 -29.74
CA GLU F 74 47.66 -21.86 -29.37
C GLU F 74 47.22 -23.15 -30.04
N HIS F 75 45.92 -23.48 -29.92
CA HIS F 75 45.39 -24.77 -30.37
C HIS F 75 45.48 -24.92 -31.88
N ALA F 76 45.44 -23.80 -32.60
CA ALA F 76 45.58 -23.80 -34.05
C ALA F 76 47.04 -23.85 -34.49
N LYS F 77 47.96 -23.90 -33.51
CA LYS F 77 49.40 -23.94 -33.76
C LYS F 77 49.82 -22.75 -34.61
N ARG F 78 49.43 -21.56 -34.16
CA ARG F 78 49.76 -20.34 -34.85
C ARG F 78 50.54 -19.42 -33.92
N LYS F 79 51.20 -18.43 -34.51
CA LYS F 79 51.91 -17.41 -33.74
C LYS F 79 51.23 -16.06 -33.85
N THR F 80 50.19 -15.98 -34.67
CA THR F 80 49.42 -14.77 -34.92
C THR F 80 47.98 -14.94 -34.44
N VAL F 81 47.56 -14.03 -33.56
CA VAL F 81 46.18 -14.01 -33.08
C VAL F 81 45.27 -13.45 -34.18
N THR F 82 44.31 -14.25 -34.61
CA THR F 82 43.38 -13.84 -35.66
C THR F 82 42.13 -13.20 -35.10
N ALA F 83 41.50 -12.35 -35.91
CA ALA F 83 40.21 -11.79 -35.55
C ALA F 83 39.23 -12.90 -35.17
N MET F 84 39.33 -14.06 -35.84
CA MET F 84 38.44 -15.18 -35.53
C MET F 84 38.69 -15.71 -34.12
N ASP F 85 39.94 -15.72 -33.69
CA ASP F 85 40.22 -16.14 -32.33
C ASP F 85 39.49 -15.25 -31.32
N VAL F 86 39.56 -13.94 -31.54
CA VAL F 86 38.88 -12.98 -30.67
C VAL F 86 37.37 -13.13 -30.73
N VAL F 87 36.82 -13.18 -31.94
CA VAL F 87 35.39 -13.40 -32.15
C VAL F 87 34.90 -14.64 -31.43
N TYR F 88 35.60 -15.76 -31.61
CA TYR F 88 35.26 -16.96 -30.87
C TYR F 88 35.32 -16.77 -29.37
N ALA F 89 36.28 -15.96 -28.91
CA ALA F 89 36.42 -15.76 -27.47
C ALA F 89 35.31 -14.89 -26.90
N LEU F 90 35.04 -13.75 -27.55
CA LEU F 90 33.90 -12.94 -27.20
C LEU F 90 32.63 -13.79 -27.12
N LYS F 91 32.38 -14.60 -28.15
CA LYS F 91 31.22 -15.49 -28.11
C LYS F 91 31.30 -16.40 -26.88
N ARG F 92 32.46 -16.99 -26.61
CA ARG F 92 32.65 -17.79 -25.40
C ARG F 92 32.15 -17.06 -24.16
N GLN F 93 32.42 -15.76 -24.05
CA GLN F 93 32.07 -15.08 -22.80
C GLN F 93 30.64 -14.55 -22.82
N GLY F 94 29.86 -14.81 -23.88
CA GLY F 94 28.52 -14.25 -23.98
C GLY F 94 28.51 -12.78 -24.37
N ARG F 95 29.49 -12.41 -25.21
CA ARG F 95 29.69 -11.04 -25.67
C ARG F 95 29.86 -11.04 -27.20
N THR F 96 29.01 -11.81 -27.89
CA THR F 96 29.06 -11.98 -29.35
C THR F 96 29.25 -10.66 -30.09
N LEU F 97 30.10 -10.69 -31.13
CA LEU F 97 30.46 -9.51 -31.91
C LEU F 97 30.26 -9.75 -33.40
N TYR F 98 29.51 -8.85 -34.04
CA TYR F 98 29.19 -8.90 -35.47
C TYR F 98 30.09 -7.96 -36.25
N GLY F 99 30.58 -8.42 -37.39
CA GLY F 99 31.30 -7.57 -38.33
C GLY F 99 32.76 -7.87 -38.48
N PHE F 100 33.24 -8.99 -37.98
CA PHE F 100 34.64 -9.33 -38.01
C PHE F 100 34.85 -10.78 -38.40
N GLY F 101 33.77 -11.46 -38.75
CA GLY F 101 33.81 -12.83 -39.16
C GLY F 101 32.78 -13.63 -38.38
N GLY F 102 32.73 -14.91 -38.74
CA GLY F 102 31.93 -15.87 -38.01
C GLY F 102 30.51 -15.92 -38.51
N THR G 16 39.02 -53.63 -18.80
CA THR G 16 38.30 -52.36 -18.98
C THR G 16 39.28 -51.24 -19.24
N ARG G 17 38.79 -50.19 -19.93
CA ARG G 17 39.58 -49.00 -20.22
C ARG G 17 39.79 -48.07 -19.03
N SER G 18 38.97 -48.22 -17.99
CA SER G 18 39.13 -47.41 -16.79
C SER G 18 40.36 -47.80 -16.01
N SER G 19 40.49 -49.11 -15.75
CA SER G 19 41.69 -49.64 -15.10
C SER G 19 42.96 -49.26 -15.86
N ARG G 20 43.02 -49.59 -17.16
CA ARG G 20 44.17 -49.24 -17.99
C ARG G 20 44.53 -47.76 -17.90
N ALA G 21 43.56 -46.91 -17.56
CA ALA G 21 43.78 -45.47 -17.42
C ALA G 21 43.92 -45.10 -15.96
N GLY G 22 43.54 -46.03 -15.09
CA GLY G 22 43.49 -45.83 -13.66
C GLY G 22 42.42 -44.89 -13.21
N LEU G 23 41.21 -45.06 -13.71
CA LEU G 23 40.09 -44.21 -13.36
C LEU G 23 39.00 -45.05 -12.70
N GLN G 24 38.19 -44.36 -11.89
CA GLN G 24 36.99 -44.98 -11.34
C GLN G 24 35.81 -44.72 -12.27
N PHE G 25 35.95 -43.68 -13.08
CA PHE G 25 34.91 -43.26 -14.00
C PHE G 25 34.99 -44.02 -15.32
N PRO G 26 33.85 -44.33 -15.93
CA PRO G 26 33.77 -45.28 -17.04
C PRO G 26 34.14 -44.73 -18.41
N VAL G 27 35.32 -45.14 -18.89
CA VAL G 27 35.85 -44.62 -20.14
C VAL G 27 34.98 -45.11 -21.30
N GLY G 28 34.41 -46.32 -21.17
CA GLY G 28 33.57 -46.90 -22.18
C GLY G 28 32.31 -46.07 -22.39
N ARG G 29 31.59 -45.85 -21.30
CA ARG G 29 30.40 -45.02 -21.33
C ARG G 29 30.65 -43.62 -21.90
N VAL G 30 31.77 -42.99 -21.51
CA VAL G 30 32.08 -41.67 -22.04
C VAL G 30 32.39 -41.68 -23.53
N HIS G 31 33.05 -42.72 -24.01
CA HIS G 31 33.29 -42.79 -25.45
C HIS G 31 31.97 -42.98 -26.19
N ARG G 32 31.10 -43.85 -25.65
CA ARG G 32 29.77 -44.05 -26.22
C ARG G 32 29.01 -42.73 -26.34
N LEU G 33 28.83 -42.03 -25.22
CA LEU G 33 28.14 -40.74 -25.20
C LEU G 33 28.75 -39.71 -26.14
N LEU G 34 30.08 -39.69 -26.29
CA LEU G 34 30.68 -38.71 -27.19
C LEU G 34 30.33 -38.99 -28.65
N ARG G 35 30.19 -40.27 -29.02
CA ARG G 35 29.76 -40.64 -30.36
C ARG G 35 28.26 -40.46 -30.57
N LYS G 36 27.44 -40.91 -29.62
CA LYS G 36 25.99 -40.81 -29.73
C LYS G 36 25.48 -39.39 -29.55
N GLY G 37 26.36 -38.43 -29.33
CA GLY G 37 26.01 -37.08 -28.96
C GLY G 37 26.15 -36.05 -30.06
N ASN G 38 26.59 -36.45 -31.27
CA ASN G 38 26.78 -35.58 -32.46
C ASN G 38 27.66 -34.40 -32.07
N TYR G 39 28.86 -34.73 -31.63
CA TYR G 39 29.85 -33.72 -31.34
C TYR G 39 30.81 -33.59 -32.51
N ALA G 40 31.17 -34.70 -33.13
CA ALA G 40 31.96 -34.70 -34.35
C ALA G 40 31.80 -36.06 -35.02
N GLU G 41 32.24 -36.13 -36.27
CA GLU G 41 32.23 -37.39 -37.00
C GLU G 41 32.90 -38.49 -36.19
N ARG G 42 34.15 -38.23 -35.81
CA ARG G 42 35.02 -39.20 -35.19
C ARG G 42 35.53 -38.71 -33.85
N VAL G 43 35.63 -39.66 -32.91
CA VAL G 43 36.14 -39.40 -31.57
C VAL G 43 37.42 -40.21 -31.37
N GLY G 44 38.54 -39.52 -31.12
CA GLY G 44 39.82 -40.15 -30.85
C GLY G 44 39.81 -41.06 -29.63
N ALA G 45 40.84 -41.93 -29.53
CA ALA G 45 40.90 -42.90 -28.43
C ALA G 45 41.31 -42.26 -27.10
N GLY G 46 42.04 -41.15 -27.15
CA GLY G 46 42.42 -40.47 -25.90
C GLY G 46 41.31 -39.62 -25.32
N ALA G 47 40.48 -39.02 -26.18
CA ALA G 47 39.39 -38.15 -25.77
C ALA G 47 38.53 -38.70 -24.62
N PRO G 48 37.88 -39.87 -24.72
CA PRO G 48 37.08 -40.35 -23.58
C PRO G 48 37.90 -40.48 -22.31
N VAL G 49 39.15 -40.88 -22.41
CA VAL G 49 39.98 -41.09 -21.25
C VAL G 49 40.23 -39.76 -20.52
N TYR G 50 40.78 -38.78 -21.24
CA TYR G 50 40.93 -37.42 -20.75
C TYR G 50 39.64 -36.91 -20.13
N LEU G 51 38.54 -36.92 -20.91
CA LEU G 51 37.28 -36.39 -20.40
C LEU G 51 36.83 -37.12 -19.14
N ALA G 52 36.94 -38.46 -19.12
CA ALA G 52 36.47 -39.22 -17.97
C ALA G 52 37.29 -38.87 -16.75
N ALA G 53 38.51 -38.41 -16.99
CA ALA G 53 39.44 -38.12 -15.91
C ALA G 53 39.17 -36.74 -15.36
N VAL G 54 39.06 -35.74 -16.23
CA VAL G 54 38.50 -34.45 -15.82
C VAL G 54 37.21 -34.61 -15.01
N LEU G 55 36.20 -35.30 -15.57
CA LEU G 55 34.96 -35.52 -14.81
C LEU G 55 35.20 -36.13 -13.44
N GLU G 56 36.08 -37.12 -13.37
CA GLU G 56 36.38 -37.74 -12.07
C GLU G 56 37.04 -36.74 -11.13
N TYR G 57 38.01 -35.98 -11.64
CA TYR G 57 38.70 -34.96 -10.86
C TYR G 57 37.75 -33.94 -10.27
N LEU G 58 36.87 -33.37 -11.08
CA LEU G 58 35.97 -32.36 -10.55
C LEU G 58 35.04 -33.01 -9.54
N THR G 59 34.56 -34.21 -9.85
CA THR G 59 33.75 -34.95 -8.89
C THR G 59 34.44 -34.99 -7.53
N ALA G 60 35.67 -35.47 -7.49
CA ALA G 60 36.43 -35.57 -6.24
C ALA G 60 36.64 -34.20 -5.58
N GLU G 61 36.93 -33.17 -6.36
CA GLU G 61 37.02 -31.82 -5.79
C GLU G 61 35.74 -31.45 -5.01
N ILE G 62 34.57 -31.73 -5.61
CA ILE G 62 33.33 -31.30 -4.96
C ILE G 62 32.98 -32.21 -3.78
N LEU G 63 33.12 -33.52 -3.96
CA LEU G 63 32.95 -34.44 -2.85
C LEU G 63 33.89 -34.16 -1.68
N GLU G 64 35.18 -33.91 -1.93
CA GLU G 64 36.12 -33.45 -0.91
C GLU G 64 35.53 -32.29 -0.09
N LEU G 65 35.15 -31.22 -0.78
CA LEU G 65 34.79 -30.01 -0.05
C LEU G 65 33.45 -30.15 0.64
N ALA G 66 32.64 -31.11 0.19
CA ALA G 66 31.28 -31.21 0.69
C ALA G 66 31.18 -32.26 1.78
N GLY G 67 32.02 -33.29 1.74
CA GLY G 67 32.29 -34.06 2.94
C GLY G 67 32.87 -33.19 4.04
N ASN G 68 33.72 -32.23 3.69
CA ASN G 68 34.18 -31.31 4.72
C ASN G 68 33.02 -30.53 5.31
N ALA G 69 32.21 -29.87 4.47
CA ALA G 69 30.99 -29.24 4.97
C ALA G 69 30.18 -30.18 5.87
N ALA G 70 29.93 -31.40 5.40
CA ALA G 70 29.17 -32.37 6.18
C ALA G 70 29.74 -32.55 7.59
N ARG G 71 31.06 -32.71 7.68
CA ARG G 71 31.71 -32.90 8.97
C ARG G 71 31.59 -31.66 9.85
N ASP G 72 31.85 -30.48 9.28
CA ASP G 72 31.64 -29.23 9.99
C ASP G 72 30.23 -29.13 10.57
N ASN G 73 29.26 -29.74 9.90
CA ASN G 73 27.87 -29.63 10.28
C ASN G 73 27.44 -30.80 11.16
N LYS G 74 28.40 -31.66 11.50
CA LYS G 74 28.24 -32.78 12.43
C LYS G 74 27.47 -33.96 11.84
N LYS G 75 27.50 -34.06 10.49
CA LYS G 75 26.84 -35.15 9.76
C LYS G 75 27.87 -36.12 9.19
N THR G 76 27.45 -37.38 9.04
CA THR G 76 28.16 -38.41 8.30
C THR G 76 27.75 -38.48 6.85
N ARG G 77 26.60 -37.91 6.47
CA ARG G 77 26.04 -38.09 5.13
C ARG G 77 25.91 -36.72 4.46
N ILE G 78 26.43 -36.62 3.24
CA ILE G 78 26.25 -35.45 2.36
C ILE G 78 24.81 -35.30 1.85
N ILE G 79 24.16 -34.21 2.27
CA ILE G 79 22.90 -33.70 1.72
C ILE G 79 23.17 -32.49 0.81
N PRO G 80 22.19 -32.01 0.04
CA PRO G 80 22.50 -30.99 -0.96
C PRO G 80 22.97 -29.68 -0.38
N ARG G 81 22.62 -29.38 0.87
CA ARG G 81 23.14 -28.15 1.44
C ARG G 81 24.66 -28.23 1.59
N HIS G 82 25.20 -29.43 1.82
CA HIS G 82 26.64 -29.54 1.94
C HIS G 82 27.32 -29.31 0.61
N LEU G 83 26.65 -29.69 -0.47
CA LEU G 83 27.19 -29.44 -1.80
C LEU G 83 27.14 -27.95 -2.08
N GLN G 84 26.18 -27.27 -1.46
CA GLN G 84 25.97 -25.87 -1.81
C GLN G 84 26.97 -25.04 -1.02
N LEU G 85 27.02 -25.24 0.29
CA LEU G 85 28.11 -24.74 1.10
C LEU G 85 29.47 -24.94 0.43
N ALA G 86 29.76 -26.18 0.04
CA ALA G 86 30.98 -26.47 -0.71
C ALA G 86 31.16 -25.53 -1.89
N VAL G 87 30.19 -25.47 -2.79
CA VAL G 87 30.40 -24.77 -4.05
C VAL G 87 30.51 -23.26 -3.83
N ARG G 88 29.70 -22.70 -2.95
CA ARG G 88 29.60 -21.24 -2.86
C ARG G 88 30.67 -20.66 -1.94
N ASN G 89 31.28 -21.49 -1.10
CA ASN G 89 32.45 -21.02 -0.36
C ASN G 89 33.75 -21.15 -1.16
N ASP G 90 33.79 -22.04 -2.15
CA ASP G 90 34.93 -22.11 -3.08
C ASP G 90 34.75 -21.13 -4.24
N GLU G 91 35.67 -20.17 -4.36
CA GLU G 91 35.66 -19.21 -5.46
C GLU G 91 35.54 -19.84 -6.83
N GLU G 92 36.35 -20.86 -7.09
CA GLU G 92 36.45 -21.33 -8.46
C GLU G 92 35.30 -22.25 -8.82
N LEU G 93 34.86 -23.09 -7.88
CA LEU G 93 33.65 -23.86 -8.09
C LEU G 93 32.44 -22.94 -8.19
N ASN G 94 32.38 -21.95 -7.29
CA ASN G 94 31.32 -20.96 -7.33
C ASN G 94 31.22 -20.36 -8.72
N LYS G 95 32.37 -20.19 -9.39
CA LYS G 95 32.35 -19.55 -10.70
C LYS G 95 31.92 -20.56 -11.76
N LEU G 96 32.48 -21.78 -11.73
CA LEU G 96 32.04 -22.82 -12.65
C LEU G 96 30.52 -23.04 -12.66
N LEU G 97 29.89 -23.03 -11.48
CA LEU G 97 28.45 -23.18 -11.28
C LEU G 97 27.74 -21.87 -11.03
N GLY G 98 28.10 -20.78 -11.72
CA GLY G 98 27.58 -19.49 -11.34
C GLY G 98 26.17 -19.25 -11.84
N ARG G 99 25.76 -19.97 -12.88
CA ARG G 99 24.40 -19.96 -13.42
C ARG G 99 23.70 -21.28 -13.15
N VAL G 100 23.95 -21.85 -12.00
CA VAL G 100 23.42 -23.15 -11.64
C VAL G 100 22.77 -23.01 -10.29
N THR G 101 21.77 -23.85 -10.07
CA THR G 101 20.95 -23.78 -8.89
C THR G 101 20.89 -25.16 -8.29
N ILE G 102 21.20 -25.26 -7.02
CA ILE G 102 21.47 -26.54 -6.43
C ILE G 102 20.22 -26.75 -5.59
N ALA G 103 19.28 -27.56 -6.12
CA ALA G 103 18.04 -27.86 -5.42
C ALA G 103 18.32 -27.95 -3.93
N GLN G 104 17.45 -27.35 -3.11
CA GLN G 104 17.49 -27.62 -1.67
C GLN G 104 18.83 -27.26 -1.07
N GLY G 105 19.51 -26.24 -1.58
CA GLY G 105 20.78 -25.94 -0.95
C GLY G 105 20.84 -24.63 -0.21
N GLY G 106 19.85 -23.77 -0.43
CA GLY G 106 19.83 -22.59 0.41
C GLY G 106 20.86 -21.55 -0.01
N VAL G 107 21.21 -20.67 0.94
CA VAL G 107 22.19 -19.62 0.71
C VAL G 107 23.25 -19.64 1.79
N LEU G 108 24.30 -18.86 1.54
CA LEU G 108 25.29 -18.62 2.58
C LEU G 108 24.77 -17.59 3.58
N PRO G 109 24.93 -17.83 4.88
CA PRO G 109 24.65 -16.78 5.87
C PRO G 109 25.48 -15.51 5.62
N ASN G 110 24.79 -14.42 5.25
CA ASN G 110 25.48 -13.16 4.98
C ASN G 110 24.50 -12.01 5.21
N ILE G 111 24.62 -11.34 6.35
CA ILE G 111 23.87 -10.12 6.62
C ILE G 111 24.76 -8.92 6.32
N GLN G 112 24.21 -7.97 5.59
CA GLN G 112 24.94 -6.75 5.27
C GLN G 112 25.19 -5.93 6.53
N SER G 113 26.35 -5.29 6.59
CA SER G 113 26.81 -4.61 7.80
C SER G 113 25.87 -3.52 8.33
N VAL G 114 25.48 -2.57 7.49
CA VAL G 114 24.61 -1.48 7.89
C VAL G 114 23.29 -1.93 8.52
N LEU G 115 22.94 -3.20 8.34
CA LEU G 115 21.70 -3.71 8.92
C LEU G 115 21.88 -4.16 10.36
N LEU G 116 23.12 -4.33 10.80
CA LEU G 116 23.46 -4.69 12.17
C LEU G 116 23.24 -3.53 13.15
N PRO G 117 22.64 -3.80 14.31
CA PRO G 117 22.50 -2.75 15.36
C PRO G 117 23.84 -2.23 15.87
N LYS G 118 23.90 -0.91 16.05
CA LYS G 118 25.09 -0.38 16.66
C LYS G 118 24.98 -0.04 18.16
N ARG H 27 7.36 -55.51 -14.20
CA ARG H 27 8.51 -55.20 -15.01
C ARG H 27 9.27 -54.03 -14.40
N LYS H 28 10.11 -53.38 -15.22
CA LYS H 28 11.21 -52.56 -14.73
C LYS H 28 11.82 -51.81 -15.90
N THR H 29 12.39 -50.64 -15.66
CA THR H 29 12.91 -49.78 -16.72
C THR H 29 14.27 -49.27 -16.24
N ARG H 30 15.26 -49.36 -17.12
CA ARG H 30 16.64 -48.95 -16.88
C ARG H 30 17.08 -47.51 -17.22
N LYS H 31 17.45 -46.75 -16.18
CA LYS H 31 18.03 -45.40 -16.29
C LYS H 31 19.47 -45.45 -15.76
N GLU H 32 20.45 -45.13 -16.60
CA GLU H 32 21.88 -44.97 -16.25
C GLU H 32 22.15 -43.66 -15.50
N SER H 33 23.08 -43.72 -14.54
CA SER H 33 23.59 -42.55 -13.84
C SER H 33 25.02 -42.81 -13.37
N TYR H 34 25.72 -41.75 -12.96
CA TYR H 34 27.09 -41.88 -12.48
C TYR H 34 27.17 -42.20 -10.99
N ALA H 35 26.03 -42.57 -10.41
CA ALA H 35 25.92 -42.80 -8.96
C ALA H 35 26.99 -43.71 -8.38
N ILE H 36 27.28 -44.84 -9.05
CA ILE H 36 28.25 -45.81 -8.52
C ILE H 36 29.68 -45.27 -8.54
N TYR H 37 30.00 -44.45 -9.54
CA TYR H 37 31.32 -43.89 -9.69
C TYR H 37 31.55 -42.71 -8.75
N VAL H 38 30.48 -41.95 -8.49
CA VAL H 38 30.52 -40.88 -7.52
C VAL H 38 30.79 -41.46 -6.14
N TYR H 39 30.11 -42.55 -5.81
CA TYR H 39 30.37 -43.31 -4.58
C TYR H 39 31.81 -43.78 -4.48
N LYS H 40 32.28 -44.47 -5.52
CA LYS H 40 33.65 -44.96 -5.59
C LYS H 40 34.67 -43.84 -5.32
N VAL H 41 34.42 -42.66 -5.87
CA VAL H 41 35.31 -41.51 -5.68
C VAL H 41 35.14 -40.91 -4.28
N LEU H 42 33.89 -40.86 -3.81
CA LEU H 42 33.61 -40.40 -2.45
C LEU H 42 34.43 -41.20 -1.45
N LYS H 43 34.54 -42.51 -1.68
CA LYS H 43 35.28 -43.40 -0.79
C LYS H 43 36.77 -43.11 -0.77
N GLN H 44 37.32 -42.73 -1.91
CA GLN H 44 38.72 -42.29 -1.98
C GLN H 44 38.98 -41.06 -1.12
N VAL H 45 38.13 -40.04 -1.26
CA VAL H 45 38.36 -38.74 -0.62
C VAL H 45 37.85 -38.66 0.81
N HIS H 46 36.82 -39.43 1.13
CA HIS H 46 36.19 -39.38 2.44
C HIS H 46 35.61 -40.76 2.77
N PRO H 47 36.48 -41.74 3.10
CA PRO H 47 36.05 -43.12 3.34
C PRO H 47 34.92 -43.25 4.38
N ASP H 48 34.91 -42.38 5.39
CA ASP H 48 33.97 -42.51 6.50
C ASP H 48 32.72 -41.65 6.37
N THR H 49 32.45 -41.17 5.15
CA THR H 49 31.22 -40.37 4.92
C THR H 49 30.39 -40.84 3.72
N GLY H 50 29.08 -40.63 3.84
CA GLY H 50 28.10 -41.03 2.83
C GLY H 50 27.37 -39.86 2.16
N ILE H 51 26.29 -40.17 1.46
CA ILE H 51 25.60 -39.19 0.61
C ILE H 51 24.11 -39.51 0.46
N SER H 52 23.26 -38.47 0.54
CA SER H 52 21.81 -38.63 0.33
C SER H 52 21.48 -38.80 -1.15
N SER H 53 20.23 -39.18 -1.43
CA SER H 53 19.79 -39.40 -2.82
C SER H 53 19.72 -38.09 -3.57
N LYS H 54 19.20 -37.08 -2.89
CA LYS H 54 19.10 -35.72 -3.44
C LYS H 54 20.47 -35.17 -3.83
N ALA H 55 21.42 -35.25 -2.90
CA ALA H 55 22.81 -34.86 -3.15
C ALA H 55 23.41 -35.67 -4.30
N MET H 56 23.01 -36.94 -4.38
CA MET H 56 23.45 -37.82 -5.46
C MET H 56 22.92 -37.36 -6.81
N SER H 57 21.70 -36.86 -6.80
CA SER H 57 21.08 -36.37 -8.04
C SER H 57 21.75 -35.08 -8.52
N ILE H 58 22.25 -34.27 -7.57
CA ILE H 58 23.00 -33.07 -7.89
C ILE H 58 24.35 -33.39 -8.51
N MET H 59 25.06 -34.35 -7.93
CA MET H 59 26.32 -34.81 -8.48
C MET H 59 26.16 -35.32 -9.91
N ASN H 60 25.12 -36.11 -10.10
CA ASN H 60 24.72 -36.58 -11.41
C ASN H 60 24.49 -35.43 -12.42
N SER H 61 23.67 -34.45 -12.03
CA SER H 61 23.45 -33.25 -12.83
C SER H 61 24.76 -32.56 -13.17
N PHE H 62 25.62 -32.44 -12.16
CA PHE H 62 26.90 -31.76 -12.27
C PHE H 62 27.81 -32.40 -13.31
N VAL H 63 27.93 -33.72 -13.26
CA VAL H 63 28.78 -34.45 -14.18
C VAL H 63 28.29 -34.32 -15.62
N ASN H 64 26.98 -34.55 -15.80
CA ASN H 64 26.33 -34.37 -17.11
C ASN H 64 26.55 -32.98 -17.67
N ASP H 65 26.29 -31.97 -16.84
CA ASP H 65 26.45 -30.59 -17.24
C ASP H 65 27.88 -30.31 -17.68
N VAL H 66 28.85 -30.65 -16.82
CA VAL H 66 30.27 -30.45 -17.15
C VAL H 66 30.69 -31.28 -18.37
N PHE H 67 30.21 -32.52 -18.44
CA PHE H 67 30.40 -33.33 -19.65
C PHE H 67 29.95 -32.58 -20.91
N GLU H 68 28.68 -32.13 -20.91
CA GLU H 68 28.09 -31.42 -22.06
C GLU H 68 28.90 -30.19 -22.44
N ARG H 69 29.32 -29.44 -21.42
CA ARG H 69 30.05 -28.18 -21.60
C ARG H 69 31.42 -28.35 -22.23
N ILE H 70 32.16 -29.38 -21.80
CA ILE H 70 33.49 -29.66 -22.37
C ILE H 70 33.29 -30.23 -23.75
N ALA H 71 32.38 -31.20 -23.86
CA ALA H 71 32.11 -31.83 -25.14
C ALA H 71 31.67 -30.81 -26.21
N GLY H 72 30.79 -29.88 -25.84
CA GLY H 72 30.33 -28.83 -26.75
C GLY H 72 31.45 -27.95 -27.22
N GLU H 73 32.28 -27.50 -26.29
CA GLU H 73 33.47 -26.69 -26.61
C GLU H 73 34.43 -27.43 -27.53
N ALA H 74 34.64 -28.71 -27.23
CA ALA H 74 35.50 -29.56 -28.07
C ALA H 74 34.96 -29.73 -29.48
N SER H 75 33.64 -29.97 -29.57
CA SER H 75 32.90 -29.92 -30.84
C SER H 75 33.18 -28.65 -31.64
N ARG H 76 33.03 -27.49 -31.01
CA ARG H 76 33.27 -26.23 -31.72
C ARG H 76 34.71 -26.06 -32.18
N LEU H 77 35.66 -26.37 -31.29
CA LEU H 77 37.10 -26.34 -31.61
C LEU H 77 37.44 -27.13 -32.88
N ALA H 78 36.93 -28.37 -32.95
CA ALA H 78 37.06 -29.19 -34.15
C ALA H 78 36.52 -28.48 -35.39
N HIS H 79 35.27 -28.01 -35.33
CA HIS H 79 34.67 -27.29 -36.47
C HIS H 79 35.44 -26.04 -36.86
N TYR H 80 35.87 -25.26 -35.87
CA TYR H 80 36.66 -24.05 -36.16
C TYR H 80 37.92 -24.36 -36.94
N ASN H 81 38.53 -25.51 -36.66
CA ASN H 81 39.79 -25.87 -37.30
C ASN H 81 39.63 -26.81 -38.48
N LYS H 82 38.37 -27.10 -38.83
CA LYS H 82 38.04 -27.89 -40.01
C LYS H 82 38.50 -29.33 -39.87
N ARG H 83 38.25 -29.89 -38.69
CA ARG H 83 38.69 -31.24 -38.37
C ARG H 83 37.48 -32.11 -38.06
N SER H 84 37.58 -33.37 -38.47
CA SER H 84 36.52 -34.35 -38.31
C SER H 84 36.59 -35.08 -36.98
N THR H 85 37.67 -34.83 -36.22
CA THR H 85 37.96 -35.64 -35.04
C THR H 85 38.10 -34.82 -33.76
N ILE H 86 37.48 -35.31 -32.70
CA ILE H 86 37.70 -34.78 -31.36
C ILE H 86 38.70 -35.68 -30.64
N THR H 87 39.93 -35.19 -30.51
CA THR H 87 40.99 -35.93 -29.83
C THR H 87 41.27 -35.30 -28.47
N SER H 88 42.05 -36.00 -27.65
CA SER H 88 42.40 -35.51 -26.32
C SER H 88 42.80 -34.04 -26.35
N ARG H 89 43.49 -33.64 -27.42
CA ARG H 89 43.94 -32.29 -27.58
C ARG H 89 42.78 -31.29 -27.64
N GLU H 90 41.63 -31.71 -28.18
CA GLU H 90 40.43 -30.86 -28.16
C GLU H 90 39.83 -30.85 -26.78
N ILE H 91 39.82 -32.00 -26.10
CA ILE H 91 39.33 -32.03 -24.73
C ILE H 91 40.20 -31.17 -23.83
N GLN H 92 41.48 -31.10 -24.15
CA GLN H 92 42.45 -30.38 -23.34
C GLN H 92 42.25 -28.89 -23.48
N THR H 93 42.21 -28.41 -24.72
CA THR H 93 41.86 -27.02 -24.96
C THR H 93 40.46 -26.68 -24.41
N ALA H 94 39.46 -27.49 -24.73
CA ALA H 94 38.13 -27.31 -24.12
C ALA H 94 38.23 -27.03 -22.61
N VAL H 95 39.02 -27.84 -21.89
CA VAL H 95 39.18 -27.71 -20.43
C VAL H 95 39.79 -26.35 -20.02
N ARG H 96 40.63 -25.80 -20.87
CA ARG H 96 41.30 -24.54 -20.62
C ARG H 96 40.50 -23.28 -20.96
N LEU H 97 39.61 -23.38 -21.94
CA LEU H 97 38.63 -22.35 -22.21
C LEU H 97 37.58 -22.38 -21.09
N LEU H 98 37.13 -23.58 -20.77
CA LEU H 98 36.06 -23.72 -19.77
C LEU H 98 36.55 -23.38 -18.38
N LEU H 99 37.34 -24.28 -17.77
CA LEU H 99 37.65 -24.19 -16.35
C LEU H 99 38.46 -22.95 -15.98
N PRO H 100 38.23 -22.44 -14.78
CA PRO H 100 39.07 -21.35 -14.24
C PRO H 100 40.44 -21.81 -13.74
N GLY H 101 41.47 -21.06 -14.14
CA GLY H 101 42.85 -21.18 -13.68
C GLY H 101 43.35 -22.42 -12.96
N GLU H 102 43.28 -22.36 -11.62
CA GLU H 102 43.83 -23.45 -10.81
C GLU H 102 43.11 -24.78 -11.12
N LEU H 103 41.79 -24.69 -11.31
CA LEU H 103 40.95 -25.87 -11.60
C LEU H 103 41.33 -26.52 -12.93
N ALA H 104 41.66 -25.70 -13.92
CA ALA H 104 42.17 -26.19 -15.21
C ALA H 104 43.53 -26.87 -15.13
N LYS H 105 44.46 -26.24 -14.42
CA LYS H 105 45.83 -26.76 -14.25
C LYS H 105 45.81 -28.19 -13.74
N HIS H 106 45.12 -28.41 -12.63
CA HIS H 106 44.94 -29.75 -12.10
C HIS H 106 44.22 -30.69 -13.06
N ALA H 107 43.23 -30.16 -13.78
CA ALA H 107 42.42 -30.97 -14.69
C ALA H 107 43.26 -31.48 -15.86
N VAL H 108 44.09 -30.59 -16.42
CA VAL H 108 45.00 -30.94 -17.52
C VAL H 108 45.99 -32.03 -17.08
N SER H 109 46.43 -31.96 -15.82
CA SER H 109 47.34 -32.95 -15.25
C SER H 109 46.71 -34.33 -15.20
N GLU H 110 45.60 -34.45 -14.49
CA GLU H 110 44.87 -35.71 -14.37
C GLU H 110 44.50 -36.29 -15.72
N GLY H 111 44.22 -35.41 -16.67
CA GLY H 111 43.86 -35.80 -18.02
C GLY H 111 45.05 -36.38 -18.76
N THR H 112 46.10 -35.59 -18.90
CA THR H 112 47.35 -36.06 -19.49
C THR H 112 47.89 -37.33 -18.79
N LYS H 113 47.87 -37.32 -17.47
CA LYS H 113 48.26 -38.47 -16.65
C LYS H 113 47.52 -39.74 -17.08
N ALA H 114 46.19 -39.73 -16.98
CA ALA H 114 45.38 -40.91 -17.34
C ALA H 114 45.58 -41.36 -18.78
N VAL H 115 45.74 -40.41 -19.71
CA VAL H 115 46.01 -40.76 -21.10
C VAL H 115 47.34 -41.52 -21.21
N THR H 116 48.38 -41.01 -20.55
CA THR H 116 49.69 -41.66 -20.52
C THR H 116 49.58 -43.09 -20.00
N LYS H 117 49.02 -43.23 -18.80
CA LYS H 117 48.87 -44.54 -18.16
C LYS H 117 48.10 -45.52 -19.04
N TYR H 118 47.12 -45.00 -19.79
CA TYR H 118 46.27 -45.80 -20.66
C TYR H 118 47.02 -46.36 -21.86
N THR H 119 47.73 -45.50 -22.59
CA THR H 119 48.50 -45.91 -23.78
C THR H 119 49.71 -46.79 -23.45
N SER H 120 50.20 -46.68 -22.21
CA SER H 120 51.28 -47.52 -21.70
C SER H 120 50.72 -48.72 -20.94
N ALA H 121 49.57 -49.20 -21.40
CA ALA H 121 48.92 -50.39 -20.84
C ALA H 121 48.13 -51.07 -21.97
N LYS H 122 48.19 -50.42 -23.13
CA LYS H 122 47.59 -50.86 -24.41
C LYS H 122 46.93 -52.25 -24.48
N PRO K 38 -41.86 -27.47 33.47
CA PRO K 38 -41.45 -26.07 33.43
C PRO K 38 -41.02 -25.52 34.80
N HIS K 39 -41.57 -24.38 35.18
CA HIS K 39 -41.58 -23.86 36.55
C HIS K 39 -42.32 -22.52 36.61
N ARG K 40 -43.14 -22.33 37.64
CA ARG K 40 -44.00 -21.16 37.70
C ARG K 40 -44.14 -20.68 39.14
N TYR K 41 -43.82 -19.40 39.36
CA TYR K 41 -44.08 -18.77 40.64
C TYR K 41 -45.55 -18.36 40.72
N ARG K 42 -46.13 -18.50 41.92
CA ARG K 42 -47.51 -18.08 42.13
C ARG K 42 -47.67 -16.59 41.81
N PRO K 43 -48.81 -16.17 41.27
CA PRO K 43 -49.03 -14.74 40.98
C PRO K 43 -48.86 -13.85 42.21
N GLY K 44 -47.92 -12.91 42.10
CA GLY K 44 -47.59 -11.97 43.17
C GLY K 44 -46.17 -12.08 43.70
N THR K 45 -45.49 -13.19 43.43
CA THR K 45 -44.15 -13.40 43.97
C THR K 45 -43.10 -12.57 43.25
N VAL K 46 -43.23 -12.47 41.92
CA VAL K 46 -42.29 -11.65 41.17
C VAL K 46 -42.66 -10.19 41.36
N ALA K 47 -43.95 -9.87 41.56
CA ALA K 47 -44.32 -8.51 41.92
C ALA K 47 -43.57 -8.06 43.18
N LEU K 48 -43.59 -8.91 44.22
CA LEU K 48 -42.87 -8.58 45.45
C LEU K 48 -41.36 -8.55 45.25
N ARG K 49 -40.83 -9.45 44.42
CA ARG K 49 -39.40 -9.40 44.13
C ARG K 49 -39.04 -8.08 43.43
N GLU K 50 -39.93 -7.60 42.55
CA GLU K 50 -39.70 -6.34 41.84
C GLU K 50 -39.86 -5.14 42.75
N ILE K 51 -40.77 -5.21 43.72
CA ILE K 51 -40.86 -4.12 44.69
C ILE K 51 -39.55 -4.03 45.46
N ARG K 52 -39.13 -5.14 46.06
CA ARG K 52 -37.88 -5.15 46.81
C ARG K 52 -36.72 -4.62 45.96
N ARG K 53 -36.70 -4.99 44.67
CA ARG K 53 -35.62 -4.58 43.78
C ARG K 53 -35.64 -3.08 43.49
N TYR K 54 -36.79 -2.55 43.07
CA TYR K 54 -36.84 -1.16 42.65
C TYR K 54 -36.88 -0.20 43.82
N GLN K 55 -37.22 -0.68 45.01
CA GLN K 55 -37.10 0.16 46.19
C GLN K 55 -35.68 0.16 46.74
N LYS K 56 -34.81 -0.69 46.19
CA LYS K 56 -33.42 -0.79 46.59
C LYS K 56 -32.54 0.12 45.75
N SER K 57 -32.94 0.37 44.51
CA SER K 57 -32.16 1.13 43.55
C SER K 57 -32.70 2.56 43.41
N THR K 58 -31.94 3.37 42.66
CA THR K 58 -32.25 4.78 42.49
C THR K 58 -32.21 5.22 41.03
N GLU K 59 -31.88 4.33 40.10
CA GLU K 59 -31.81 4.69 38.70
C GLU K 59 -33.18 4.95 38.11
N LEU K 60 -33.22 5.81 37.09
CA LEU K 60 -34.48 6.18 36.46
C LEU K 60 -35.11 4.98 35.78
N LEU K 61 -36.45 4.98 35.75
CA LEU K 61 -37.23 3.84 35.29
C LEU K 61 -37.93 4.06 33.95
N ILE K 62 -38.05 5.29 33.49
CA ILE K 62 -38.54 5.59 32.15
C ILE K 62 -37.33 5.63 31.22
N ARG K 63 -37.48 5.06 30.03
CA ARG K 63 -36.42 5.16 29.03
C ARG K 63 -36.21 6.60 28.58
N LYS K 64 -34.92 7.02 28.55
CA LYS K 64 -34.58 8.43 28.49
C LYS K 64 -35.05 9.10 27.21
N LEU K 65 -34.91 8.41 26.06
CA LEU K 65 -35.27 9.04 24.80
C LEU K 65 -36.77 9.20 24.60
N PRO K 66 -37.62 8.21 24.88
CA PRO K 66 -39.07 8.47 24.87
C PRO K 66 -39.48 9.67 25.72
N PHE K 67 -38.98 9.73 26.95
CA PHE K 67 -39.26 10.85 27.82
C PHE K 67 -38.84 12.17 27.18
N GLN K 68 -37.60 12.24 26.68
CA GLN K 68 -37.11 13.45 26.03
C GLN K 68 -38.03 13.89 24.90
N ARG K 69 -38.42 12.94 24.05
CA ARG K 69 -39.28 13.28 22.93
C ARG K 69 -40.64 13.76 23.41
N LEU K 70 -41.12 13.21 24.52
CA LEU K 70 -42.38 13.69 25.07
C LEU K 70 -42.24 15.10 25.63
N VAL K 71 -41.08 15.40 26.21
CA VAL K 71 -40.83 16.73 26.74
C VAL K 71 -40.80 17.76 25.62
N ARG K 72 -40.10 17.43 24.53
CA ARG K 72 -40.04 18.35 23.40
C ARG K 72 -41.42 18.55 22.77
N GLU K 73 -42.21 17.47 22.62
CA GLU K 73 -43.57 17.63 22.10
C GLU K 73 -44.40 18.55 22.97
N ILE K 74 -44.40 18.31 24.29
CA ILE K 74 -45.21 19.17 25.16
C ILE K 74 -44.74 20.62 25.09
N ALA K 75 -43.43 20.83 24.99
CA ALA K 75 -42.93 22.21 24.97
C ALA K 75 -43.26 22.92 23.66
N GLN K 76 -43.21 22.20 22.53
CA GLN K 76 -43.59 22.81 21.25
C GLN K 76 -44.94 23.51 21.31
N ASP K 77 -45.92 22.91 21.96
CA ASP K 77 -47.24 23.52 22.06
C ASP K 77 -47.27 24.81 22.88
N PHE K 78 -46.15 25.22 23.48
CA PHE K 78 -46.01 26.45 24.24
C PHE K 78 -45.16 27.48 23.51
N LYS K 79 -44.00 27.09 23.00
CA LYS K 79 -43.18 27.98 22.19
C LYS K 79 -42.41 27.15 21.17
N THR K 80 -42.47 27.58 19.91
CA THR K 80 -41.86 26.84 18.81
C THR K 80 -40.36 27.12 18.75
N ASP K 81 -39.64 26.17 18.15
CA ASP K 81 -38.20 26.28 17.95
C ASP K 81 -37.50 26.51 19.28
N LEU K 82 -37.33 25.44 20.05
CA LEU K 82 -36.76 25.53 21.37
C LEU K 82 -35.72 24.43 21.55
N ARG K 83 -34.60 24.79 22.17
CA ARG K 83 -33.59 23.82 22.57
C ARG K 83 -33.70 23.53 24.06
N PHE K 84 -33.22 22.35 24.44
CA PHE K 84 -33.21 21.90 25.82
C PHE K 84 -31.79 21.52 26.23
N GLN K 85 -31.33 22.00 27.38
CA GLN K 85 -30.13 21.44 27.96
C GLN K 85 -30.37 19.98 28.30
N SER K 86 -29.32 19.16 28.19
CA SER K 86 -29.49 17.76 28.54
C SER K 86 -29.84 17.63 30.02
N SER K 87 -29.24 18.50 30.84
CA SER K 87 -29.54 18.55 32.26
C SER K 87 -30.96 19.03 32.53
N ALA K 88 -31.55 19.83 31.64
CA ALA K 88 -32.92 20.26 31.89
C ALA K 88 -33.90 19.11 31.71
N VAL K 89 -33.61 18.21 30.77
CA VAL K 89 -34.46 17.05 30.56
C VAL K 89 -34.25 16.06 31.70
N MET K 90 -33.00 15.89 32.13
CA MET K 90 -32.72 15.05 33.29
C MET K 90 -33.48 15.55 34.53
N ALA K 91 -33.54 16.88 34.72
CA ALA K 91 -34.28 17.43 35.85
C ALA K 91 -35.77 17.17 35.71
N LEU K 92 -36.29 17.28 34.51
CA LEU K 92 -37.71 17.01 34.32
C LEU K 92 -38.03 15.54 34.55
N GLN K 93 -37.11 14.64 34.18
CA GLN K 93 -37.36 13.23 34.41
C GLN K 93 -37.23 12.84 35.87
N GLU K 94 -36.23 13.39 36.56
CA GLU K 94 -36.10 13.11 37.99
C GLU K 94 -37.34 13.55 38.75
N ALA K 95 -37.79 14.78 38.49
CA ALA K 95 -38.98 15.29 39.17
C ALA K 95 -40.23 14.50 38.79
N SER K 96 -40.46 14.30 37.49
CA SER K 96 -41.64 13.56 37.04
C SER K 96 -41.72 12.17 37.67
N GLU K 97 -40.62 11.41 37.62
CA GLU K 97 -40.64 10.07 38.19
C GLU K 97 -40.83 10.08 39.69
N ALA K 98 -40.19 11.01 40.40
CA ALA K 98 -40.45 11.10 41.85
C ALA K 98 -41.92 11.36 42.12
N TYR K 99 -42.53 12.23 41.31
CA TYR K 99 -43.95 12.52 41.43
C TYR K 99 -44.79 11.27 41.22
N LEU K 100 -44.39 10.44 40.27
CA LEU K 100 -45.24 9.31 39.96
C LEU K 100 -45.09 8.22 41.00
N VAL K 101 -43.86 7.94 41.44
CA VAL K 101 -43.63 7.02 42.55
C VAL K 101 -44.46 7.40 43.77
N ALA K 102 -44.32 8.64 44.24
CA ALA K 102 -45.08 9.04 45.43
C ALA K 102 -46.59 8.99 45.17
N LEU K 103 -47.02 9.29 43.95
CA LEU K 103 -48.44 9.19 43.67
C LEU K 103 -48.92 7.74 43.69
N PHE K 104 -48.10 6.81 43.21
CA PHE K 104 -48.47 5.40 43.31
C PHE K 104 -48.50 4.95 44.75
N GLU K 105 -47.68 5.57 45.60
CA GLU K 105 -47.75 5.26 47.03
C GLU K 105 -49.13 5.62 47.58
N ASP K 106 -49.57 6.85 47.33
CA ASP K 106 -50.88 7.24 47.86
C ASP K 106 -51.99 6.42 47.22
N THR K 107 -51.87 6.15 45.93
CA THR K 107 -52.86 5.32 45.23
C THR K 107 -52.94 3.95 45.89
N ASN K 108 -51.78 3.39 46.26
CA ASN K 108 -51.75 2.08 46.90
C ASN K 108 -52.50 2.11 48.21
N LEU K 109 -52.33 3.21 48.97
CA LEU K 109 -53.07 3.32 50.22
C LEU K 109 -54.57 3.42 49.97
N CYS K 110 -54.99 4.17 48.97
CA CYS K 110 -56.43 4.20 48.66
C CYS K 110 -57.01 2.83 48.30
N ALA K 111 -56.28 2.08 47.47
CA ALA K 111 -56.71 0.72 47.16
C ALA K 111 -56.83 -0.12 48.42
N ILE K 112 -55.78 -0.16 49.24
CA ILE K 112 -55.86 -0.91 50.49
C ILE K 112 -57.03 -0.45 51.34
N HIS K 113 -57.28 0.85 51.34
CA HIS K 113 -58.44 1.40 52.06
C HIS K 113 -59.72 0.75 51.59
N ALA K 114 -59.80 0.34 50.33
CA ALA K 114 -60.99 -0.33 49.81
C ALA K 114 -60.84 -1.84 49.82
N LYS K 115 -60.12 -2.38 50.81
CA LYS K 115 -59.91 -3.82 51.02
C LYS K 115 -59.42 -4.51 49.74
N ARG K 116 -58.83 -3.76 48.83
CA ARG K 116 -58.31 -4.28 47.58
C ARG K 116 -56.79 -4.31 47.58
N VAL K 117 -56.28 -5.07 46.62
CA VAL K 117 -54.84 -5.24 46.42
C VAL K 117 -54.41 -4.65 45.09
N THR K 118 -55.37 -4.34 44.22
CA THR K 118 -55.15 -3.90 42.86
C THR K 118 -55.42 -2.40 42.80
N ILE K 119 -54.48 -1.62 42.29
CA ILE K 119 -54.71 -0.19 42.11
C ILE K 119 -55.58 0.04 40.89
N MET K 120 -56.50 0.98 40.98
CA MET K 120 -57.45 1.29 39.93
C MET K 120 -57.52 2.79 39.71
N PRO K 121 -57.93 3.23 38.51
CA PRO K 121 -57.98 4.68 38.24
C PRO K 121 -58.69 5.47 39.30
N LYS K 122 -59.68 4.87 39.96
CA LYS K 122 -60.41 5.55 41.01
C LYS K 122 -59.52 5.82 42.21
N ASP K 123 -58.48 5.01 42.40
CA ASP K 123 -57.58 5.27 43.50
C ASP K 123 -56.70 6.46 43.19
N ILE K 124 -56.21 6.55 41.94
CA ILE K 124 -55.45 7.72 41.51
C ILE K 124 -56.29 8.97 41.62
N GLN K 125 -57.53 8.90 41.17
CA GLN K 125 -58.40 10.06 41.18
C GLN K 125 -58.72 10.51 42.60
N LEU K 126 -58.91 9.55 43.52
CA LEU K 126 -59.07 9.92 44.93
C LEU K 126 -57.81 10.56 45.48
N ALA K 127 -56.66 9.96 45.17
CA ALA K 127 -55.38 10.50 45.61
C ALA K 127 -55.26 11.96 45.19
N ARG K 128 -55.42 12.21 43.88
CA ARG K 128 -55.23 13.54 43.34
C ARG K 128 -56.25 14.53 43.90
N ARG K 129 -57.50 14.10 44.08
CA ARG K 129 -58.53 14.94 44.70
C ARG K 129 -58.08 15.44 46.07
N ILE K 130 -57.68 14.51 46.95
CA ILE K 130 -57.23 14.86 48.30
C ILE K 130 -56.01 15.78 48.25
N ARG K 131 -54.98 15.41 47.45
CA ARG K 131 -53.81 16.27 47.23
C ARG K 131 -54.15 17.67 46.74
N GLY K 132 -55.38 17.91 46.28
CA GLY K 132 -55.82 19.17 45.73
C GLY K 132 -55.33 19.48 44.33
N GLU K 133 -54.92 18.46 43.59
CA GLU K 133 -54.58 18.63 42.18
C GLU K 133 -55.86 18.61 41.38
N ARG K 134 -56.65 17.55 41.56
CA ARG K 134 -57.98 17.43 41.00
C ARG K 134 -58.95 18.26 41.83
N ALA K 135 -60.08 18.59 41.22
CA ALA K 135 -61.12 19.35 41.88
C ALA K 135 -62.21 18.41 42.38
N LYS L 20 -49.09 22.44 11.99
CA LYS L 20 -49.51 21.03 12.03
C LYS L 20 -49.76 20.61 13.47
N VAL L 21 -50.48 19.50 13.65
CA VAL L 21 -50.86 19.04 14.98
C VAL L 21 -49.97 17.89 15.43
N LEU L 22 -49.42 18.01 16.65
CA LEU L 22 -48.48 17.04 17.22
C LEU L 22 -49.23 16.07 18.12
N ARG L 23 -48.94 14.79 17.99
CA ARG L 23 -49.64 13.78 18.78
C ARG L 23 -48.77 12.54 18.88
N ASP L 24 -49.36 11.47 19.42
CA ASP L 24 -48.77 10.14 19.48
C ASP L 24 -47.30 10.05 19.93
N ASN L 25 -46.98 10.59 21.10
CA ASN L 25 -45.74 10.48 21.89
C ASN L 25 -45.90 9.97 23.30
N ILE L 26 -46.97 10.36 23.99
CA ILE L 26 -47.22 9.89 25.33
C ILE L 26 -47.18 8.36 25.41
N GLN L 27 -47.62 7.66 24.36
CA GLN L 27 -47.60 6.20 24.39
C GLN L 27 -46.17 5.66 24.45
N GLY L 28 -45.17 6.53 24.27
CA GLY L 28 -43.78 6.18 24.51
C GLY L 28 -43.47 5.93 25.97
N ILE L 29 -44.35 6.38 26.86
CA ILE L 29 -44.33 6.01 28.27
C ILE L 29 -45.10 4.70 28.35
N THR L 30 -44.35 3.59 28.33
CA THR L 30 -44.92 2.29 28.08
C THR L 30 -45.50 1.65 29.34
N LYS L 31 -46.24 0.55 29.10
CA LYS L 31 -46.80 -0.26 30.18
C LYS L 31 -45.73 -0.79 31.13
N PRO L 32 -44.67 -1.47 30.67
CA PRO L 32 -43.64 -1.92 31.63
C PRO L 32 -42.97 -0.78 32.38
N ALA L 33 -42.89 0.42 31.80
CA ALA L 33 -42.31 1.56 32.50
C ALA L 33 -43.21 2.05 33.63
N ILE L 34 -44.51 2.15 33.35
CA ILE L 34 -45.45 2.51 34.40
C ILE L 34 -45.44 1.44 35.47
N ARG L 35 -45.22 0.18 35.06
CA ARG L 35 -45.20 -0.92 36.01
C ARG L 35 -44.00 -0.80 36.93
N ARG L 36 -42.81 -0.51 36.37
CA ARG L 36 -41.63 -0.30 37.21
C ARG L 36 -41.84 0.83 38.20
N LEU L 37 -42.48 1.91 37.75
CA LEU L 37 -42.76 3.02 38.67
C LEU L 37 -43.70 2.57 39.77
N ALA L 38 -44.77 1.86 39.42
CA ALA L 38 -45.70 1.36 40.43
C ALA L 38 -44.99 0.45 41.43
N ARG L 39 -44.08 -0.40 40.97
CA ARG L 39 -43.34 -1.29 41.85
C ARG L 39 -42.52 -0.50 42.87
N ARG L 40 -41.73 0.48 42.40
CA ARG L 40 -41.02 1.36 43.34
C ARG L 40 -41.98 2.07 44.31
N GLY L 41 -43.24 2.26 43.93
CA GLY L 41 -44.23 2.82 44.81
C GLY L 41 -44.88 1.81 45.73
N GLY L 42 -44.51 0.55 45.59
CA GLY L 42 -44.98 -0.51 46.46
C GLY L 42 -46.27 -1.18 46.03
N VAL L 43 -46.65 -1.02 44.76
CA VAL L 43 -47.90 -1.55 44.24
C VAL L 43 -47.71 -2.99 43.78
N LYS L 44 -48.57 -3.88 44.26
CA LYS L 44 -48.48 -5.30 43.93
C LYS L 44 -49.25 -5.64 42.65
N ARG L 45 -50.49 -5.17 42.55
CA ARG L 45 -51.39 -5.53 41.46
C ARG L 45 -51.95 -4.28 40.80
N ILE L 46 -51.98 -4.29 39.46
CA ILE L 46 -52.29 -3.08 38.69
C ILE L 46 -53.42 -3.35 37.71
N SER L 47 -54.52 -2.62 37.87
CA SER L 47 -55.63 -2.69 36.94
C SER L 47 -55.18 -2.33 35.51
N GLY L 48 -55.95 -2.81 34.54
CA GLY L 48 -55.61 -2.57 33.15
C GLY L 48 -55.82 -1.14 32.70
N LEU L 49 -56.76 -0.44 33.35
CA LEU L 49 -57.07 0.94 33.00
C LEU L 49 -56.10 1.94 33.61
N ILE L 50 -55.18 1.48 34.46
CA ILE L 50 -54.23 2.37 35.10
C ILE L 50 -53.26 3.00 34.12
N TYR L 51 -52.88 2.28 33.07
CA TYR L 51 -51.79 2.76 32.21
C TYR L 51 -52.16 4.04 31.47
N GLU L 52 -53.34 4.05 30.85
CA GLU L 52 -53.74 5.28 30.18
C GLU L 52 -54.00 6.38 31.19
N GLU L 53 -54.48 6.03 32.38
CA GLU L 53 -54.73 7.05 33.39
C GLU L 53 -53.43 7.70 33.80
N THR L 54 -52.36 6.91 33.88
CA THR L 54 -51.08 7.46 34.32
C THR L 54 -50.47 8.28 33.21
N ARG L 55 -50.83 7.98 31.96
CA ARG L 55 -50.36 8.81 30.87
C ARG L 55 -50.97 10.21 30.94
N GLY L 56 -52.25 10.31 31.26
CA GLY L 56 -52.85 11.63 31.36
C GLY L 56 -52.32 12.44 32.54
N VAL L 57 -52.18 11.78 33.70
CA VAL L 57 -51.66 12.46 34.88
C VAL L 57 -50.27 13.00 34.61
N LEU L 58 -49.40 12.16 34.04
CA LEU L 58 -48.05 12.59 33.73
C LEU L 58 -48.03 13.70 32.69
N LYS L 59 -48.98 13.68 31.76
CA LYS L 59 -49.08 14.77 30.81
C LYS L 59 -49.37 16.09 31.52
N VAL L 60 -50.41 16.09 32.37
CA VAL L 60 -50.78 17.31 33.08
C VAL L 60 -49.62 17.84 33.90
N PHE L 61 -48.93 16.95 34.62
CA PHE L 61 -47.78 17.36 35.42
C PHE L 61 -46.73 18.03 34.56
N LEU L 62 -46.30 17.35 33.49
CA LEU L 62 -45.30 17.94 32.62
C LEU L 62 -45.79 19.24 32.01
N GLU L 63 -47.06 19.28 31.60
CA GLU L 63 -47.59 20.54 31.07
C GLU L 63 -47.37 21.66 32.07
N ASN L 64 -47.84 21.46 33.30
CA ASN L 64 -47.79 22.53 34.28
C ASN L 64 -46.37 22.97 34.52
N VAL L 65 -45.45 22.01 34.55
CA VAL L 65 -44.07 22.36 34.82
C VAL L 65 -43.40 22.99 33.60
N ILE L 66 -43.56 22.38 32.41
CA ILE L 66 -42.89 22.92 31.23
C ILE L 66 -43.42 24.29 30.87
N ARG L 67 -44.73 24.51 31.06
CA ARG L 67 -45.28 25.84 30.81
C ARG L 67 -44.52 26.88 31.62
N ASP L 68 -44.39 26.64 32.92
CA ASP L 68 -43.72 27.63 33.76
C ASP L 68 -42.26 27.75 33.36
N ALA L 69 -41.62 26.61 33.06
CA ALA L 69 -40.22 26.64 32.64
C ALA L 69 -40.06 27.53 31.42
N VAL L 70 -40.95 27.37 30.44
CA VAL L 70 -40.84 28.17 29.23
C VAL L 70 -41.09 29.64 29.53
N THR L 71 -42.06 29.94 30.39
CA THR L 71 -42.25 31.34 30.79
C THR L 71 -40.95 31.93 31.28
N TYR L 72 -40.18 31.15 32.04
CA TYR L 72 -38.90 31.64 32.51
C TYR L 72 -37.90 31.82 31.37
N THR L 73 -37.79 30.82 30.48
CA THR L 73 -36.89 30.96 29.33
C THR L 73 -37.24 32.20 28.53
N GLU L 74 -38.51 32.36 28.17
CA GLU L 74 -38.96 33.54 27.44
C GLU L 74 -38.41 34.80 28.09
N HIS L 75 -38.60 34.93 29.42
CA HIS L 75 -38.26 36.17 30.09
C HIS L 75 -36.74 36.41 30.03
N ALA L 76 -35.95 35.34 29.96
CA ALA L 76 -34.50 35.49 29.83
C ALA L 76 -34.10 35.75 28.38
N LYS L 77 -35.08 35.82 27.47
CA LYS L 77 -34.85 36.05 26.04
C LYS L 77 -33.88 35.01 25.49
N ARG L 78 -34.20 33.75 25.75
CA ARG L 78 -33.41 32.63 25.29
C ARG L 78 -34.25 31.69 24.43
N LYS L 79 -33.57 30.83 23.68
CA LYS L 79 -34.18 29.79 22.87
C LYS L 79 -33.91 28.41 23.43
N THR L 80 -33.11 28.32 24.48
CA THR L 80 -32.76 27.06 25.13
C THR L 80 -33.28 27.07 26.56
N VAL L 81 -34.09 26.07 26.89
CA VAL L 81 -34.58 25.92 28.26
C VAL L 81 -33.46 25.35 29.12
N THR L 82 -33.06 26.09 30.17
CA THR L 82 -31.99 25.66 31.05
C THR L 82 -32.52 24.84 32.21
N ALA L 83 -31.65 24.01 32.77
CA ALA L 83 -31.99 23.27 33.98
C ALA L 83 -32.49 24.21 35.05
N MET L 84 -31.93 25.44 35.09
CA MET L 84 -32.38 26.41 36.09
C MET L 84 -33.82 26.83 35.86
N ASP L 85 -34.24 26.95 34.60
CA ASP L 85 -35.63 27.27 34.32
C ASP L 85 -36.55 26.21 34.91
N VAL L 86 -36.21 24.94 34.70
CA VAL L 86 -36.99 23.81 35.24
C VAL L 86 -36.98 23.82 36.76
N VAL L 87 -35.80 23.93 37.38
CA VAL L 87 -35.68 24.03 38.83
C VAL L 87 -36.55 25.15 39.41
N TYR L 88 -36.47 26.35 38.82
CA TYR L 88 -37.34 27.45 39.24
C TYR L 88 -38.81 27.10 39.11
N ALA L 89 -39.17 26.34 38.07
CA ALA L 89 -40.58 26.00 37.88
C ALA L 89 -41.05 24.94 38.88
N LEU L 90 -40.28 23.86 39.04
CA LEU L 90 -40.55 22.88 40.10
C LEU L 90 -40.74 23.57 41.44
N LYS L 91 -39.80 24.46 41.79
CA LYS L 91 -39.93 25.20 43.03
C LYS L 91 -41.24 25.98 43.07
N ARG L 92 -41.56 26.70 41.98
CA ARG L 92 -42.84 27.41 41.86
C ARG L 92 -44.05 26.54 42.21
N GLN L 93 -44.03 25.29 41.79
CA GLN L 93 -45.15 24.36 41.90
C GLN L 93 -45.13 23.61 43.21
N GLY L 94 -44.17 23.92 44.09
CA GLY L 94 -44.01 23.23 45.36
C GLY L 94 -43.41 21.85 45.22
N ARG L 95 -42.51 21.65 44.25
CA ARG L 95 -41.89 20.35 43.99
C ARG L 95 -40.38 20.52 43.85
N THR L 96 -39.80 21.29 44.78
CA THR L 96 -38.37 21.60 44.79
C THR L 96 -37.52 20.37 44.53
N LEU L 97 -36.47 20.57 43.73
CA LEU L 97 -35.59 19.49 43.32
C LEU L 97 -34.14 19.87 43.61
N TYR L 98 -33.44 18.98 44.30
CA TYR L 98 -32.06 19.18 44.68
C TYR L 98 -31.17 18.41 43.72
N GLY L 99 -30.06 19.04 43.31
CA GLY L 99 -29.05 18.35 42.54
C GLY L 99 -28.91 18.83 41.13
N PHE L 100 -29.51 19.96 40.78
CA PHE L 100 -29.48 20.45 39.42
C PHE L 100 -29.21 21.94 39.35
N GLY L 101 -28.91 22.58 40.48
CA GLY L 101 -28.61 23.99 40.49
C GLY L 101 -29.41 24.79 41.49
N GLY L 102 -30.19 24.09 42.32
CA GLY L 102 -30.90 24.69 43.44
C GLY L 102 -30.17 25.83 44.12
N ALA M 14 -54.32 65.78 34.48
CA ALA M 14 -53.83 64.59 35.13
C ALA M 14 -52.73 64.95 36.12
N LYS M 15 -53.12 65.22 37.36
CA LYS M 15 -52.03 65.31 38.30
C LYS M 15 -51.67 63.91 38.77
N THR M 16 -52.65 63.09 39.12
CA THR M 16 -52.36 61.77 39.67
C THR M 16 -51.82 60.81 38.59
N ARG M 17 -51.01 59.84 39.03
CA ARG M 17 -50.51 58.79 38.15
C ARG M 17 -51.60 57.78 37.83
N SER M 18 -52.67 57.77 38.63
CA SER M 18 -53.82 56.92 38.35
C SER M 18 -54.57 57.45 37.14
N SER M 19 -54.87 58.76 37.16
CA SER M 19 -55.49 59.43 36.02
C SER M 19 -54.71 59.22 34.74
N ARG M 20 -53.41 59.54 34.77
CA ARG M 20 -52.52 59.33 33.64
C ARG M 20 -52.59 57.89 33.11
N ALA M 21 -52.96 56.94 33.95
CA ALA M 21 -53.07 55.52 33.59
C ALA M 21 -54.50 55.10 33.32
N GLY M 22 -55.48 55.90 33.74
CA GLY M 22 -56.88 55.58 33.63
C GLY M 22 -57.26 54.45 34.56
N LEU M 23 -56.79 54.55 35.80
CA LEU M 23 -57.05 53.53 36.80
C LEU M 23 -57.80 54.13 37.98
N GLN M 24 -58.53 53.27 38.69
CA GLN M 24 -59.15 53.62 39.95
C GLN M 24 -58.24 53.31 41.13
N PHE M 25 -57.26 52.40 40.95
CA PHE M 25 -56.29 51.92 41.93
C PHE M 25 -55.07 52.83 41.96
N PRO M 26 -54.52 53.02 43.15
CA PRO M 26 -53.51 54.06 43.37
C PRO M 26 -52.10 53.68 42.94
N VAL M 27 -51.63 54.25 41.82
CA VAL M 27 -50.34 53.87 41.30
C VAL M 27 -49.23 54.35 42.24
N GLY M 28 -49.42 55.49 42.88
CA GLY M 28 -48.44 56.05 43.80
C GLY M 28 -48.19 55.17 45.01
N ARG M 29 -49.27 54.86 45.73
CA ARG M 29 -49.18 53.96 46.87
C ARG M 29 -48.58 52.61 46.47
N VAL M 30 -48.95 52.08 45.30
CA VAL M 30 -48.37 50.83 44.84
C VAL M 30 -46.89 50.94 44.55
N HIS M 31 -46.44 52.08 44.06
CA HIS M 31 -45.02 52.31 43.83
C HIS M 31 -44.29 52.38 45.17
N ARG M 32 -44.91 53.06 46.14
CA ARG M 32 -44.38 53.13 47.50
C ARG M 32 -44.17 51.73 48.06
N LEU M 33 -45.24 50.93 48.12
CA LEU M 33 -45.16 49.57 48.62
C LEU M 33 -44.10 48.75 47.90
N LEU M 34 -43.96 48.95 46.58
CA LEU M 34 -42.94 48.18 45.87
C LEU M 34 -41.52 48.58 46.30
N ARG M 35 -41.31 49.85 46.64
CA ARG M 35 -40.00 50.27 47.14
C ARG M 35 -39.76 49.85 48.59
N LYS M 36 -40.71 50.13 49.48
CA LYS M 36 -40.61 49.78 50.90
C LYS M 36 -40.83 48.30 51.17
N GLY M 37 -40.41 47.43 50.27
CA GLY M 37 -40.79 46.03 50.36
C GLY M 37 -39.65 45.09 50.06
N ASN M 38 -38.49 45.65 49.71
CA ASN M 38 -37.28 44.90 49.43
C ASN M 38 -37.56 43.82 48.40
N TYR M 39 -38.01 44.26 47.26
CA TYR M 39 -38.22 43.36 46.14
C TYR M 39 -37.05 43.40 45.18
N ALA M 40 -36.51 44.59 44.96
CA ALA M 40 -35.29 44.78 44.18
C ALA M 40 -34.76 46.15 44.56
N GLU M 41 -33.51 46.41 44.19
CA GLU M 41 -32.93 47.72 44.43
C GLU M 41 -33.82 48.82 43.90
N ARG M 42 -34.17 48.73 42.62
CA ARG M 42 -34.85 49.79 41.89
C ARG M 42 -36.17 49.29 41.32
N VAL M 43 -37.18 50.15 41.33
CA VAL M 43 -38.48 49.80 40.79
C VAL M 43 -38.76 50.71 39.60
N GLY M 44 -38.94 50.10 38.42
CA GLY M 44 -39.28 50.86 37.21
C GLY M 44 -40.58 51.64 37.33
N ALA M 45 -40.75 52.60 36.42
CA ALA M 45 -41.92 53.49 36.45
C ALA M 45 -43.18 52.78 35.98
N GLY M 46 -43.05 51.77 35.13
CA GLY M 46 -44.21 51.03 34.67
C GLY M 46 -44.75 50.01 35.64
N ALA M 47 -43.88 49.39 36.43
CA ALA M 47 -44.27 48.37 37.40
C ALA M 47 -45.51 48.71 38.24
N PRO M 48 -45.53 49.82 39.00
CA PRO M 48 -46.75 50.10 39.79
C PRO M 48 -48.00 50.23 38.93
N VAL M 49 -47.88 50.77 37.72
CA VAL M 49 -49.04 50.99 36.86
C VAL M 49 -49.65 49.65 36.46
N TYR M 50 -48.84 48.80 35.82
CA TYR M 50 -49.22 47.42 35.51
C TYR M 50 -49.83 46.73 36.73
N LEU M 51 -49.08 46.68 37.83
CA LEU M 51 -49.56 45.99 39.03
C LEU M 51 -50.88 46.55 39.52
N ALA M 52 -51.00 47.88 39.56
CA ALA M 52 -52.21 48.48 40.10
C ALA M 52 -53.39 48.14 39.21
N ALA M 53 -53.09 47.86 37.95
CA ALA M 53 -54.10 47.61 36.95
C ALA M 53 -54.55 46.15 37.02
N VAL M 54 -53.61 45.20 37.02
CA VAL M 54 -53.90 43.81 37.39
C VAL M 54 -54.73 43.73 38.67
N LEU M 55 -54.27 44.36 39.75
CA LEU M 55 -55.04 44.37 40.99
C LEU M 55 -56.47 44.85 40.77
N GLU M 56 -56.61 45.90 39.96
CA GLU M 56 -57.94 46.42 39.65
C GLU M 56 -58.77 45.40 38.88
N TYR M 57 -58.18 44.78 37.86
CA TYR M 57 -58.86 43.76 37.07
C TYR M 57 -59.37 42.61 37.94
N LEU M 58 -58.51 42.07 38.80
CA LEU M 58 -58.95 40.96 39.63
C LEU M 58 -60.02 41.43 40.60
N THR M 59 -59.83 42.61 41.19
CA THR M 59 -60.85 43.19 42.06
C THR M 59 -62.22 43.18 41.37
N ALA M 60 -62.30 43.79 40.18
CA ALA M 60 -63.56 43.88 39.42
C ALA M 60 -64.13 42.52 39.07
N GLU M 61 -63.28 41.59 38.66
CA GLU M 61 -63.70 40.23 38.41
C GLU M 61 -64.42 39.64 39.63
N ILE M 62 -63.90 39.86 40.84
CA ILE M 62 -64.50 39.23 42.00
C ILE M 62 -65.77 39.96 42.45
N LEU M 63 -65.73 41.29 42.46
CA LEU M 63 -66.92 42.07 42.77
C LEU M 63 -68.06 41.79 41.81
N GLU M 64 -67.79 41.69 40.51
CA GLU M 64 -68.81 41.25 39.56
C GLU M 64 -69.58 40.04 40.07
N LEU M 65 -68.83 38.97 40.35
CA LEU M 65 -69.46 37.68 40.60
C LEU M 65 -70.12 37.66 41.95
N ALA M 66 -69.73 38.58 42.82
CA ALA M 66 -70.21 38.56 44.19
C ALA M 66 -71.37 39.54 44.39
N GLY M 67 -71.38 40.62 43.63
CA GLY M 67 -72.63 41.36 43.44
C GLY M 67 -73.72 40.49 42.83
N ASN M 68 -73.35 39.64 41.87
CA ASN M 68 -74.31 38.69 41.31
C ASN M 68 -74.83 37.72 42.36
N ALA M 69 -73.92 37.03 43.05
CA ALA M 69 -74.32 36.20 44.18
C ALA M 69 -75.27 36.94 45.13
N ALA M 70 -74.90 38.16 45.53
CA ALA M 70 -75.73 38.96 46.44
C ALA M 70 -77.15 39.12 45.90
N ARG M 71 -77.26 39.44 44.62
CA ARG M 71 -78.57 39.65 44.01
C ARG M 71 -79.37 38.36 43.96
N ASP M 72 -78.74 37.25 43.55
CA ASP M 72 -79.42 35.96 43.65
C ASP M 72 -79.98 35.72 45.04
N ASN M 73 -79.34 36.27 46.06
CA ASN M 73 -79.72 36.02 47.44
C ASN M 73 -80.64 37.11 47.98
N LYS M 74 -81.03 38.05 47.12
CA LYS M 74 -81.98 39.12 47.43
C LYS M 74 -81.38 40.21 48.32
N LYS M 75 -80.09 40.47 48.18
CA LYS M 75 -79.39 41.38 49.08
C LYS M 75 -78.71 42.52 48.34
N THR M 76 -78.73 43.69 48.98
CA THR M 76 -78.09 44.88 48.46
C THR M 76 -76.59 44.88 48.74
N ARG M 77 -76.14 44.08 49.71
CA ARG M 77 -74.79 44.14 50.23
C ARG M 77 -74.04 42.83 50.03
N ILE M 78 -72.83 42.93 49.50
CA ILE M 78 -71.91 41.81 49.47
C ILE M 78 -71.49 41.50 50.90
N ILE M 79 -71.87 40.33 51.40
CA ILE M 79 -71.30 39.78 52.63
C ILE M 79 -70.30 38.70 52.25
N PRO M 80 -69.49 38.18 53.18
CA PRO M 80 -68.39 37.30 52.78
C PRO M 80 -68.83 36.02 52.12
N ARG M 81 -70.03 35.55 52.43
CA ARG M 81 -70.54 34.37 51.76
C ARG M 81 -70.72 34.61 50.28
N HIS M 82 -71.02 35.84 49.88
CA HIS M 82 -71.17 36.12 48.46
C HIS M 82 -69.82 36.05 47.76
N LEU M 83 -68.77 36.43 48.47
CA LEU M 83 -67.43 36.33 47.93
C LEU M 83 -67.02 34.88 47.81
N GLN M 84 -67.59 34.04 48.66
CA GLN M 84 -67.15 32.65 48.73
C GLN M 84 -67.86 31.85 47.63
N LEU M 85 -69.19 31.95 47.60
CA LEU M 85 -70.00 31.50 46.47
C LEU M 85 -69.37 31.91 45.14
N ALA M 86 -69.10 33.21 45.00
CA ALA M 86 -68.38 33.73 43.83
C ALA M 86 -67.10 32.97 43.53
N VAL M 87 -66.19 32.89 44.51
CA VAL M 87 -64.86 32.39 44.23
C VAL M 87 -64.91 30.91 43.92
N ARG M 88 -65.73 30.17 44.63
CA ARG M 88 -65.71 28.72 44.57
C ARG M 88 -66.56 28.18 43.43
N ASN M 89 -67.48 29.00 42.89
CA ASN M 89 -68.17 28.60 41.66
C ASN M 89 -67.40 28.94 40.38
N ASP M 90 -66.49 29.92 40.40
CA ASP M 90 -65.59 30.19 39.28
C ASP M 90 -64.35 29.31 39.38
N GLU M 91 -64.15 28.45 38.38
CA GLU M 91 -62.98 27.56 38.33
C GLU M 91 -61.68 28.32 38.58
N GLU M 92 -61.49 29.44 37.89
CA GLU M 92 -60.19 30.09 37.90
C GLU M 92 -59.98 30.90 39.17
N LEU M 93 -61.05 31.56 39.65
CA LEU M 93 -60.91 32.19 40.96
C LEU M 93 -60.71 31.12 42.02
N ASN M 94 -61.47 30.03 41.92
CA ASN M 94 -61.30 28.92 42.86
C ASN M 94 -59.84 28.48 42.93
N LYS M 95 -59.14 28.49 41.79
CA LYS M 95 -57.77 28.00 41.82
C LYS M 95 -56.82 29.06 42.36
N LEU M 96 -56.94 30.31 41.88
CA LEU M 96 -56.11 31.37 42.44
C LEU M 96 -56.18 31.40 43.95
N LEU M 97 -57.37 31.19 44.51
CA LEU M 97 -57.56 31.15 45.96
C LEU M 97 -57.70 29.74 46.52
N GLY M 98 -56.91 28.79 46.01
CA GLY M 98 -57.13 27.40 46.37
C GLY M 98 -56.56 27.02 47.73
N ARG M 99 -55.59 27.78 48.22
CA ARG M 99 -55.04 27.63 49.56
C ARG M 99 -55.44 28.80 50.42
N VAL M 100 -56.67 29.27 50.24
CA VAL M 100 -57.13 30.44 50.93
C VAL M 100 -58.44 30.10 51.62
N THR M 101 -58.70 30.77 52.73
CA THR M 101 -59.86 30.50 53.55
C THR M 101 -60.54 31.83 53.80
N ILE M 102 -61.83 31.89 53.48
CA ILE M 102 -62.53 33.14 53.39
C ILE M 102 -63.42 33.10 54.63
N ALA M 103 -63.00 33.81 55.69
CA ALA M 103 -63.74 33.92 56.94
C ALA M 103 -65.23 33.98 56.64
N GLN M 104 -66.03 33.23 57.38
CA GLN M 104 -67.47 33.45 57.38
C GLN M 104 -68.07 33.25 55.98
N GLY M 105 -67.49 32.37 55.18
CA GLY M 105 -68.06 32.17 53.86
C GLY M 105 -68.71 30.82 53.61
N GLY M 106 -68.48 29.85 54.47
CA GLY M 106 -69.18 28.58 54.37
C GLY M 106 -68.61 27.71 53.26
N VAL M 107 -69.44 26.77 52.79
CA VAL M 107 -69.08 25.86 51.72
C VAL M 107 -70.15 25.89 50.64
N LEU M 108 -69.82 25.28 49.49
CA LEU M 108 -70.84 25.06 48.47
C LEU M 108 -71.71 23.86 48.84
N PRO M 109 -73.02 23.98 48.67
CA PRO M 109 -73.91 22.81 48.79
C PRO M 109 -73.54 21.69 47.83
N ASN M 110 -73.10 20.55 48.38
CA ASN M 110 -72.70 19.40 47.56
C ASN M 110 -72.89 18.14 48.42
N ILE M 111 -73.98 17.42 48.18
CA ILE M 111 -74.21 16.11 48.78
C ILE M 111 -73.81 15.02 47.79
N GLN M 112 -73.03 14.06 48.28
CA GLN M 112 -72.60 12.94 47.46
C GLN M 112 -73.77 12.04 47.05
N SER M 113 -73.69 11.54 45.81
CA SER M 113 -74.79 10.79 45.20
C SER M 113 -75.19 9.57 46.02
N VAL M 114 -74.24 8.69 46.34
CA VAL M 114 -74.52 7.48 47.12
C VAL M 114 -75.22 7.76 48.45
N LEU M 115 -75.20 9.00 48.92
CA LEU M 115 -75.86 9.37 50.16
C LEU M 115 -77.34 9.70 49.97
N LEU M 116 -77.75 9.92 48.72
CA LEU M 116 -79.15 10.17 48.40
C LEU M 116 -79.99 8.91 48.54
N PRO M 117 -81.18 9.02 49.15
CA PRO M 117 -82.09 7.87 49.22
C PRO M 117 -82.49 7.38 47.84
N LYS M 118 -82.53 6.05 47.69
CA LYS M 118 -83.03 5.46 46.45
C LYS M 118 -84.49 5.00 46.61
N ARG N 27 -57.80 60.19 68.94
CA ARG N 27 -58.10 60.28 67.51
C ARG N 27 -57.26 59.22 66.80
N LYS N 28 -57.93 58.11 66.47
CA LYS N 28 -57.27 56.84 66.24
C LYS N 28 -56.30 56.85 65.05
N THR N 29 -55.32 55.95 65.13
CA THR N 29 -54.22 55.83 64.18
C THR N 29 -54.73 55.52 62.78
N ARG N 30 -54.18 56.24 61.80
CA ARG N 30 -54.48 56.07 60.39
C ARG N 30 -54.16 54.64 59.95
N LYS N 31 -55.20 53.88 59.54
CA LYS N 31 -55.04 52.52 59.01
C LYS N 31 -55.42 52.52 57.54
N GLU N 32 -54.42 52.44 56.67
CA GLU N 32 -54.67 52.44 55.23
C GLU N 32 -55.43 51.21 54.77
N SER N 33 -56.15 51.38 53.66
CA SER N 33 -57.12 50.43 53.15
C SER N 33 -57.23 50.62 51.64
N TYR N 34 -57.64 49.56 50.97
CA TYR N 34 -58.05 49.63 49.58
C TYR N 34 -59.55 49.84 49.45
N ALA N 35 -60.23 50.07 50.58
CA ALA N 35 -61.68 50.21 50.61
C ALA N 35 -62.21 51.16 49.54
N ILE N 36 -61.63 52.35 49.43
CA ILE N 36 -62.24 53.37 48.56
C ILE N 36 -62.23 52.92 47.10
N TYR N 37 -61.13 52.31 46.68
CA TYR N 37 -61.04 51.78 45.32
C TYR N 37 -62.01 50.64 45.11
N VAL N 38 -62.12 49.75 46.11
CA VAL N 38 -63.00 48.59 45.95
C VAL N 38 -64.44 49.05 45.77
N TYR N 39 -64.84 50.07 46.54
CA TYR N 39 -66.16 50.68 46.37
C TYR N 39 -66.31 51.32 45.01
N LYS N 40 -65.22 51.87 44.46
CA LYS N 40 -65.30 52.45 43.13
C LYS N 40 -65.59 51.37 42.10
N VAL N 41 -64.63 50.48 41.86
CA VAL N 41 -64.83 49.33 40.99
C VAL N 41 -66.23 48.73 41.14
N LEU N 42 -66.64 48.48 42.39
CA LEU N 42 -67.97 47.92 42.63
C LEU N 42 -69.08 48.85 42.17
N LYS N 43 -68.83 50.15 42.10
CA LYS N 43 -69.91 51.04 41.69
C LYS N 43 -69.99 51.09 40.17
N GLN N 44 -68.84 50.98 39.50
CA GLN N 44 -68.81 50.80 38.05
C GLN N 44 -69.55 49.54 37.62
N VAL N 45 -69.40 48.45 38.38
CA VAL N 45 -69.80 47.12 37.92
C VAL N 45 -71.17 46.70 38.47
N HIS N 46 -71.63 47.35 39.51
CA HIS N 46 -72.94 47.09 40.11
C HIS N 46 -73.29 48.35 40.86
N PRO N 47 -73.90 49.33 40.20
CA PRO N 47 -73.96 50.67 40.81
C PRO N 47 -74.97 50.75 41.94
N ASP N 48 -75.82 49.74 42.10
CA ASP N 48 -76.78 49.70 43.20
C ASP N 48 -76.44 48.67 44.28
N THR N 49 -75.28 48.00 44.18
CA THR N 49 -74.88 46.97 45.14
C THR N 49 -73.99 47.53 46.26
N GLY N 50 -74.26 47.13 47.51
CA GLY N 50 -73.39 47.43 48.62
C GLY N 50 -72.39 46.32 49.01
N ILE N 51 -71.61 46.62 50.06
CA ILE N 51 -70.64 45.68 50.63
C ILE N 51 -70.52 45.86 52.15
N SER N 52 -70.61 44.76 52.90
CA SER N 52 -70.45 44.76 54.35
C SER N 52 -68.98 44.93 54.79
N SER N 53 -68.80 45.26 56.08
CA SER N 53 -67.50 45.24 56.75
C SER N 53 -66.64 44.02 56.44
N LYS N 54 -67.16 42.82 56.71
CA LYS N 54 -66.34 41.61 56.60
C LYS N 54 -65.96 41.37 55.15
N ALA N 55 -66.96 41.43 54.26
CA ALA N 55 -66.72 41.38 52.83
C ALA N 55 -65.59 42.30 52.38
N MET N 56 -65.66 43.58 52.77
CA MET N 56 -64.55 44.48 52.46
C MET N 56 -63.25 44.05 53.09
N SER N 57 -63.29 43.42 54.26
CA SER N 57 -62.06 42.93 54.85
C SER N 57 -61.45 41.83 54.00
N ILE N 58 -62.27 40.89 53.54
CA ILE N 58 -61.84 39.87 52.61
C ILE N 58 -61.29 40.49 51.32
N MET N 59 -62.04 41.39 50.70
CA MET N 59 -61.55 42.08 49.51
C MET N 59 -60.18 42.68 49.75
N ASN N 60 -60.03 43.41 50.86
CA ASN N 60 -58.74 44.00 51.22
C ASN N 60 -57.65 42.95 51.40
N SER N 61 -58.00 41.77 51.91
CA SER N 61 -56.99 40.72 52.07
C SER N 61 -56.66 40.08 50.72
N PHE N 62 -57.66 39.95 49.86
CA PHE N 62 -57.42 39.51 48.50
C PHE N 62 -56.39 40.40 47.81
N VAL N 63 -56.65 41.71 47.85
CA VAL N 63 -55.78 42.65 47.16
C VAL N 63 -54.36 42.63 47.73
N ASN N 64 -54.22 42.64 49.06
CA ASN N 64 -52.88 42.49 49.61
C ASN N 64 -52.23 41.16 49.24
N ASP N 65 -52.99 40.07 49.30
CA ASP N 65 -52.42 38.75 49.02
C ASP N 65 -51.85 38.71 47.62
N VAL N 66 -52.69 39.02 46.62
CA VAL N 66 -52.23 38.97 45.22
C VAL N 66 -51.11 39.98 44.97
N PHE N 67 -51.21 41.18 45.55
CA PHE N 67 -50.08 42.10 45.53
C PHE N 67 -48.79 41.43 45.98
N GLU N 68 -48.78 40.82 47.16
CA GLU N 68 -47.58 40.15 47.63
C GLU N 68 -47.13 39.03 46.69
N ARG N 69 -48.07 38.26 46.16
CA ARG N 69 -47.68 37.13 45.31
C ARG N 69 -47.01 37.60 44.02
N ILE N 70 -47.57 38.63 43.39
CA ILE N 70 -46.98 39.12 42.14
C ILE N 70 -45.65 39.80 42.43
N ALA N 71 -45.64 40.73 43.38
CA ALA N 71 -44.40 41.39 43.76
C ALA N 71 -43.30 40.39 44.08
N GLY N 72 -43.65 39.36 44.85
CA GLY N 72 -42.67 38.33 45.16
C GLY N 72 -42.11 37.64 43.94
N GLU N 73 -42.99 37.22 43.03
CA GLU N 73 -42.50 36.54 41.85
C GLU N 73 -41.65 37.45 40.97
N ALA N 74 -41.98 38.73 40.91
CA ALA N 74 -41.17 39.68 40.17
C ALA N 74 -39.79 39.83 40.78
N SER N 75 -39.74 40.05 42.09
CA SER N 75 -38.48 40.09 42.82
C SER N 75 -37.61 38.88 42.49
N ARG N 76 -38.20 37.69 42.51
CA ARG N 76 -37.44 36.50 42.15
C ARG N 76 -36.97 36.52 40.69
N LEU N 77 -37.82 36.94 39.76
CA LEU N 77 -37.37 37.05 38.36
C LEU N 77 -36.17 37.97 38.19
N ALA N 78 -36.24 39.18 38.76
CA ALA N 78 -35.09 40.08 38.74
C ALA N 78 -33.86 39.42 39.32
N HIS N 79 -33.94 38.96 40.56
CA HIS N 79 -32.80 38.27 41.16
C HIS N 79 -32.25 37.16 40.28
N TYR N 80 -33.13 36.38 39.63
CA TYR N 80 -32.68 35.27 38.81
C TYR N 80 -31.94 35.76 37.59
N ASN N 81 -32.23 36.97 37.13
CA ASN N 81 -31.61 37.49 35.93
C ASN N 81 -30.55 38.54 36.22
N LYS N 82 -30.15 38.66 37.49
CA LYS N 82 -29.15 39.64 37.93
C LYS N 82 -29.56 41.06 37.58
N ARG N 83 -30.84 41.38 37.71
CA ARG N 83 -31.33 42.73 37.51
C ARG N 83 -31.63 43.40 38.84
N SER N 84 -31.33 44.69 38.91
CA SER N 84 -31.53 45.47 40.11
C SER N 84 -32.90 46.14 40.13
N THR N 85 -33.65 46.03 39.04
CA THR N 85 -34.85 46.79 38.80
C THR N 85 -36.05 45.88 38.54
N ILE N 86 -37.18 46.23 39.14
CA ILE N 86 -38.46 45.61 38.84
C ILE N 86 -39.18 46.55 37.89
N THR N 87 -39.28 46.12 36.63
CA THR N 87 -40.00 46.82 35.58
C THR N 87 -41.30 46.10 35.29
N SER N 88 -42.25 46.84 34.70
CA SER N 88 -43.48 46.26 34.17
C SER N 88 -43.28 44.93 33.43
N ARG N 89 -42.11 44.68 32.84
CA ARG N 89 -41.86 43.37 32.24
C ARG N 89 -41.75 42.26 33.29
N GLU N 90 -41.29 42.60 34.48
CA GLU N 90 -41.22 41.60 35.55
C GLU N 90 -42.61 41.35 36.12
N ILE N 91 -43.37 42.40 36.40
CA ILE N 91 -44.79 42.23 36.75
C ILE N 91 -45.51 41.38 35.73
N GLN N 92 -45.28 41.63 34.44
CA GLN N 92 -45.99 40.90 33.40
C GLN N 92 -45.70 39.41 33.47
N THR N 93 -44.41 39.05 33.51
CA THR N 93 -44.08 37.63 33.65
C THR N 93 -44.59 37.07 34.97
N ALA N 94 -44.52 37.85 36.05
CA ALA N 94 -45.09 37.42 37.32
C ALA N 94 -46.55 37.04 37.17
N VAL N 95 -47.28 37.84 36.41
CA VAL N 95 -48.70 37.60 36.22
C VAL N 95 -48.89 36.33 35.40
N ARG N 96 -47.97 36.06 34.46
CA ARG N 96 -48.14 34.86 33.63
C ARG N 96 -47.82 33.59 34.40
N LEU N 97 -46.78 33.60 35.24
CA LEU N 97 -46.53 32.43 36.09
C LEU N 97 -47.63 32.24 37.13
N LEU N 98 -48.20 33.34 37.63
CA LEU N 98 -49.10 33.25 38.78
C LEU N 98 -50.54 32.93 38.37
N LEU N 99 -51.15 33.73 37.46
CA LEU N 99 -52.57 33.58 37.18
C LEU N 99 -52.85 32.40 36.26
N PRO N 100 -54.03 31.78 36.43
CA PRO N 100 -54.45 30.75 35.49
C PRO N 100 -54.92 31.37 34.17
N GLY N 101 -54.44 30.76 33.07
CA GLY N 101 -54.84 31.05 31.69
C GLY N 101 -55.57 32.32 31.29
N GLU N 102 -56.89 32.23 31.36
CA GLU N 102 -57.74 33.32 30.88
C GLU N 102 -57.57 34.54 31.77
N LEU N 103 -57.48 34.34 33.08
CA LEU N 103 -57.35 35.45 34.01
C LEU N 103 -56.06 36.18 33.73
N ALA N 104 -55.01 35.41 33.40
CA ALA N 104 -53.72 35.99 33.03
C ALA N 104 -53.87 36.80 31.75
N LYS N 105 -54.33 36.15 30.68
CA LYS N 105 -54.58 36.82 29.42
C LYS N 105 -55.19 38.21 29.62
N HIS N 106 -56.35 38.26 30.31
CA HIS N 106 -57.04 39.52 30.53
C HIS N 106 -56.23 40.50 31.40
N ALA N 107 -55.50 39.99 32.39
CA ALA N 107 -54.77 40.91 33.23
C ALA N 107 -53.59 41.52 32.47
N VAL N 108 -52.93 40.70 31.66
CA VAL N 108 -51.83 41.16 30.80
C VAL N 108 -52.28 42.26 29.85
N SER N 109 -53.36 42.03 29.10
CA SER N 109 -53.82 43.09 28.20
C SER N 109 -54.25 44.35 28.97
N GLU N 110 -54.89 44.18 30.14
CA GLU N 110 -55.30 45.34 30.92
C GLU N 110 -54.12 46.06 31.57
N GLY N 111 -52.97 45.42 31.66
CA GLY N 111 -51.77 46.02 32.24
C GLY N 111 -50.97 46.75 31.18
N THR N 112 -50.72 46.04 30.08
CA THR N 112 -50.05 46.64 28.92
C THR N 112 -50.80 47.89 28.47
N LYS N 113 -52.14 47.84 28.47
CA LYS N 113 -52.95 49.00 28.13
C LYS N 113 -52.65 50.16 29.04
N ALA N 114 -52.49 49.89 30.34
CA ALA N 114 -52.23 50.95 31.30
C ALA N 114 -50.83 51.54 31.12
N VAL N 115 -49.81 50.69 30.91
CA VAL N 115 -48.43 51.17 30.66
C VAL N 115 -48.34 52.02 29.39
N THR N 116 -48.88 51.48 28.30
CA THR N 116 -48.88 52.20 27.03
C THR N 116 -49.62 53.52 27.17
N LYS N 117 -50.69 53.50 27.96
CA LYS N 117 -51.49 54.70 28.20
C LYS N 117 -50.71 55.68 29.06
N TYR N 118 -50.01 55.13 30.06
CA TYR N 118 -49.21 55.96 30.95
C TYR N 118 -48.04 56.62 30.25
N THR N 119 -47.33 55.81 29.45
CA THR N 119 -46.10 56.23 28.79
C THR N 119 -46.32 57.41 27.87
N SER N 120 -47.43 57.41 27.15
CA SER N 120 -47.63 58.56 26.27
C SER N 120 -48.08 59.81 27.03
N ALA N 121 -48.88 59.66 28.08
CA ALA N 121 -49.31 60.83 28.84
C ALA N 121 -48.52 61.00 30.14
N HIS Q 25 -3.29 39.37 8.79
CA HIS Q 25 -2.13 38.76 9.48
C HIS Q 25 -1.02 39.76 9.82
N PRO Q 26 -0.45 39.63 11.03
CA PRO Q 26 0.67 40.48 11.44
C PRO Q 26 1.94 40.23 10.65
N LYS Q 27 2.96 41.06 10.88
CA LYS Q 27 4.24 40.87 10.20
C LYS Q 27 4.82 39.50 10.55
N TYR Q 28 5.67 38.98 9.66
CA TYR Q 28 6.38 37.73 9.92
C TYR Q 28 7.16 37.76 11.22
N SER Q 29 7.66 38.93 11.61
CA SER Q 29 8.34 39.06 12.89
C SER Q 29 7.39 38.74 14.05
N ASP Q 30 6.14 39.19 13.95
CA ASP Q 30 5.16 38.94 15.01
C ASP Q 30 4.69 37.49 14.98
N MET Q 31 4.56 36.91 13.80
CA MET Q 31 4.14 35.51 13.70
C MET Q 31 5.20 34.56 14.23
N ILE Q 32 6.48 34.90 14.06
CA ILE Q 32 7.54 34.06 14.63
C ILE Q 32 7.55 34.17 16.15
N LEU Q 33 7.44 35.39 16.68
CA LEU Q 33 7.35 35.57 18.13
C LEU Q 33 6.13 34.86 18.69
N ALA Q 34 5.03 34.81 17.94
CA ALA Q 34 3.84 34.10 18.40
C ALA Q 34 4.05 32.59 18.38
N ALA Q 35 4.72 32.08 17.34
CA ALA Q 35 5.00 30.65 17.26
C ALA Q 35 5.92 30.17 18.38
N VAL Q 36 6.89 30.97 18.79
CA VAL Q 36 7.78 30.56 19.87
C VAL Q 36 7.06 30.57 21.23
N GLN Q 37 6.28 31.63 21.51
CA GLN Q 37 5.50 31.67 22.76
C GLN Q 37 4.45 30.57 22.80
N ALA Q 38 3.84 30.26 21.66
CA ALA Q 38 2.74 29.30 21.70
C ALA Q 38 3.25 27.85 21.74
N GLU Q 39 4.54 27.63 21.48
CA GLU Q 39 5.03 26.26 21.56
C GLU Q 39 5.78 26.30 22.89
N LYS Q 40 5.20 25.79 23.98
CA LYS Q 40 6.06 25.62 25.14
C LYS Q 40 6.86 24.33 25.01
N SER Q 41 7.85 24.38 24.12
CA SER Q 41 8.82 23.32 24.00
C SER Q 41 10.02 23.67 24.87
N ARG Q 42 10.82 22.65 25.19
CA ARG Q 42 12.01 22.85 26.01
C ARG Q 42 13.12 23.57 25.24
N SER Q 43 13.10 23.43 23.92
CA SER Q 43 14.09 24.07 23.07
C SER Q 43 13.46 25.06 22.10
N GLY Q 44 12.67 25.98 22.65
CA GLY Q 44 12.00 26.99 21.84
C GLY Q 44 11.21 26.37 20.69
N SER Q 45 11.65 26.66 19.47
CA SER Q 45 10.98 26.13 18.29
C SER Q 45 12.08 26.14 17.23
N SER Q 46 12.14 25.11 16.40
CA SER Q 46 13.06 25.10 15.28
C SER Q 46 12.46 25.86 14.11
N ARG Q 47 13.20 25.93 13.00
CA ARG Q 47 12.61 26.57 11.83
C ARG Q 47 11.38 25.80 11.33
N GLN Q 48 11.44 24.49 11.38
CA GLN Q 48 10.31 23.67 10.96
C GLN Q 48 9.09 23.83 11.88
N SER Q 49 9.33 23.88 13.20
CA SER Q 49 8.23 24.04 14.15
C SER Q 49 7.54 25.37 13.94
N ILE Q 50 8.33 26.46 13.84
CA ILE Q 50 7.76 27.78 13.58
C ILE Q 50 7.01 27.80 12.24
N GLN Q 51 7.62 27.20 11.23
CA GLN Q 51 7.11 27.17 9.85
C GLN Q 51 5.74 26.52 9.75
N LYS Q 52 5.48 25.47 10.53
CA LYS Q 52 4.16 24.86 10.46
C LYS Q 52 3.13 25.58 11.32
N TYR Q 53 3.55 26.22 12.42
CA TYR Q 53 2.61 26.99 13.22
C TYR Q 53 2.01 28.14 12.40
N ILE Q 54 2.87 28.89 11.69
CA ILE Q 54 2.41 30.01 10.86
C ILE Q 54 1.45 29.56 9.77
N LYS Q 55 1.74 28.41 9.13
CA LYS Q 55 0.88 27.95 8.05
C LYS Q 55 -0.53 27.57 8.50
N ASN Q 56 -0.71 27.15 9.76
CA ASN Q 56 -2.03 26.76 10.25
C ASN Q 56 -2.75 27.83 11.03
N HIS Q 57 -2.04 28.83 11.55
CA HIS Q 57 -2.61 29.87 12.42
C HIS Q 57 -2.78 31.22 11.72
N TYR Q 58 -2.38 31.35 10.46
CA TYR Q 58 -2.55 32.61 9.76
C TYR Q 58 -2.84 32.38 8.29
N LYS Q 59 -3.56 33.33 7.69
CA LYS Q 59 -3.74 33.39 6.24
C LYS Q 59 -2.43 33.90 5.63
N VAL Q 60 -1.54 32.96 5.31
CA VAL Q 60 -0.18 33.27 4.86
C VAL Q 60 -0.05 32.81 3.41
N GLY Q 61 0.85 33.47 2.68
CA GLY Q 61 0.97 33.26 1.26
C GLY Q 61 1.67 31.98 0.86
N GLU Q 62 1.98 31.90 -0.43
CA GLU Q 62 2.73 30.77 -0.98
C GLU Q 62 4.22 30.91 -0.68
N ASN Q 63 4.68 32.13 -0.41
CA ASN Q 63 6.09 32.39 -0.18
C ASN Q 63 6.40 32.51 1.30
N ALA Q 64 5.66 31.73 2.11
CA ALA Q 64 5.79 31.78 3.55
C ALA Q 64 7.18 31.34 4.00
N ASP Q 65 7.69 30.28 3.39
CA ASP Q 65 8.95 29.68 3.83
C ASP Q 65 10.14 30.62 3.64
N SER Q 66 10.22 31.32 2.49
CA SER Q 66 11.29 32.29 2.27
C SER Q 66 11.16 33.50 3.21
N GLN Q 67 9.94 33.96 3.43
CA GLN Q 67 9.71 35.10 4.32
C GLN Q 67 10.01 34.75 5.78
N ILE Q 68 9.71 33.54 6.22
CA ILE Q 68 10.11 33.09 7.56
C ILE Q 68 11.64 33.01 7.66
N LYS Q 69 12.27 32.36 6.68
CA LYS Q 69 13.72 32.23 6.62
C LYS Q 69 14.43 33.59 6.66
N LEU Q 70 13.95 34.53 5.85
CA LEU Q 70 14.45 35.90 5.85
C LEU Q 70 14.22 36.59 7.21
N SER Q 71 13.05 36.38 7.83
CA SER Q 71 12.76 37.03 9.11
C SER Q 71 13.61 36.46 10.25
N ILE Q 72 13.88 35.15 10.26
CA ILE Q 72 14.73 34.58 11.29
C ILE Q 72 16.17 35.06 11.12
N LYS Q 73 16.66 35.09 9.87
CA LYS Q 73 17.99 35.62 9.60
C LYS Q 73 18.16 37.06 10.10
N ARG Q 74 17.12 37.90 9.96
CA ARG Q 74 17.17 39.28 10.44
C ARG Q 74 16.98 39.39 11.96
N LEU Q 75 16.12 38.56 12.56
CA LEU Q 75 15.90 38.58 14.00
C LEU Q 75 17.08 38.04 14.80
N VAL Q 76 17.86 37.09 14.23
CA VAL Q 76 19.08 36.64 14.89
C VAL Q 76 20.15 37.73 14.84
N THR Q 77 20.32 38.41 13.70
CA THR Q 77 21.30 39.49 13.58
C THR Q 77 20.97 40.67 14.51
N SER Q 78 19.68 40.97 14.68
CA SER Q 78 19.23 42.04 15.58
C SER Q 78 19.40 41.64 17.02
N GLY Q 79 19.33 40.35 17.32
CA GLY Q 79 19.35 39.82 18.66
C GLY Q 79 17.97 39.72 19.28
N ALA Q 80 16.92 39.64 18.46
CA ALA Q 80 15.55 39.38 18.90
C ALA Q 80 15.38 37.90 19.18
N LEU Q 81 15.85 37.06 18.26
CA LEU Q 81 16.00 35.64 18.50
C LEU Q 81 17.45 35.35 18.86
N LYS Q 82 17.65 34.51 19.85
CA LYS Q 82 18.97 34.01 20.21
C LYS Q 82 18.93 32.49 20.07
N GLN Q 83 20.05 31.92 19.62
CA GLN Q 83 20.05 30.55 19.14
C GLN Q 83 20.38 29.52 20.23
N THR Q 84 19.70 28.37 20.13
CA THR Q 84 19.83 27.26 21.07
C THR Q 84 20.34 25.98 20.40
N LYS Q 85 20.20 25.86 19.07
CA LYS Q 85 20.69 24.74 18.29
C LYS Q 85 20.97 25.22 16.86
N GLY Q 86 21.90 24.52 16.19
CA GLY Q 86 22.38 24.82 14.83
C GLY Q 86 23.23 26.09 14.70
N VAL Q 87 23.34 26.58 13.46
CA VAL Q 87 24.14 27.79 13.15
C VAL Q 87 23.44 28.48 11.98
N GLY Q 88 22.73 29.56 12.28
CA GLY Q 88 21.99 30.31 11.28
C GLY Q 88 20.49 30.06 11.35
N ALA Q 89 19.81 30.40 10.25
CA ALA Q 89 18.36 30.23 10.14
C ALA Q 89 17.90 28.78 10.28
N SER Q 90 18.81 27.82 10.12
CA SER Q 90 18.51 26.40 10.29
C SER Q 90 18.91 25.92 11.67
N GLY Q 91 17.99 25.98 12.60
CA GLY Q 91 18.27 25.52 13.95
C GLY Q 91 17.06 25.72 14.84
N SER Q 92 17.31 25.89 16.13
CA SER Q 92 16.26 26.15 17.11
C SER Q 92 16.61 27.40 17.91
N PHE Q 93 15.61 28.24 18.17
CA PHE Q 93 15.85 29.55 18.75
C PHE Q 93 14.76 29.89 19.76
N ARG Q 94 15.07 30.86 20.62
CA ARG Q 94 14.13 31.42 21.57
C ARG Q 94 14.17 32.95 21.49
N LEU Q 95 13.11 33.56 22.01
CA LEU Q 95 13.10 35.00 22.15
C LEU Q 95 14.09 35.45 23.21
N ALA Q 96 14.71 36.60 22.97
CA ALA Q 96 15.43 37.31 24.00
C ALA Q 96 14.42 37.96 24.94
N LYS Q 97 14.85 38.22 26.17
CA LYS Q 97 13.91 38.61 27.23
C LYS Q 97 14.57 39.52 28.26
#